data_4V24
#
_entry.id   4V24
#
_cell.length_a   86.570
_cell.length_b   60.549
_cell.length_c   89.592
_cell.angle_alpha   90.00
_cell.angle_beta   107.17
_cell.angle_gamma   90.00
#
_symmetry.space_group_name_H-M   'P 1 21 1'
#
loop_
_entity.id
_entity.type
_entity.pdbx_description
1 polymer 'SPHINGOSINE KINASE 1'
2 non-polymer {(2R)-1-[4-({3-METHYL-5-[(PHENYLSULFONYL)METHYL]PHENOXY}METHYL)BENZYL]PYRROLIDIN-2-YL}METHANOL
3 non-polymer 'ACETATE ION'
4 water water
#
_entity_poly.entity_id   1
_entity_poly.type   'polypeptide(L)'
_entity_poly.pdbx_seq_one_letter_code
;SMEPRVEVMDPAGGPRGVLPRPCRVLVLLNPRGGKGKALQLFRSHVQPLLAEAEISFTLMLTERRNHARELVRSEELGRW
DALVVMSGDGLMHEVVNGLMERPDWETAIQKPLCSLPAGSGNALAASLNHYAGYEQVTNEDLLTNCTLLLCRRLLSPMNL
LSLHTASGLRLFSVLSLAWGFIADVDLESEKYRRLGEMRFTLGTFLRLAALRTYRGRLAYLPVGRVGSKTPASPVVVQQG
PVDAHLVPLEEPVPSHWTVVPDEDFVLVLALLHSHLGSEMFAAPMGRCAAGVMHLFYVRAGVSRAMLLRLFLAMEKGRHM
EYECPYLVYVPVVAFRLEPKDGKGVFAVDGELMVSEAVQGQVHPNYFWMVS
;
_entity_poly.pdbx_strand_id   A,B
#
# COMPACT_ATOMS: atom_id res chain seq x y z
N PRO A 15 2.25 28.69 25.11
CA PRO A 15 3.56 28.43 25.69
C PRO A 15 4.47 27.68 24.72
N ARG A 16 5.72 28.11 24.65
CA ARG A 16 6.72 27.46 23.81
C ARG A 16 8.00 27.31 24.64
N GLY A 17 8.85 26.39 24.24
CA GLY A 17 10.12 26.14 24.96
C GLY A 17 11.15 25.77 23.94
N VAL A 18 12.41 25.66 24.37
CA VAL A 18 13.48 25.30 23.44
CA VAL A 18 13.48 25.29 23.45
C VAL A 18 14.50 24.41 24.14
N LEU A 19 14.99 23.40 23.44
CA LEU A 19 16.06 22.56 23.96
C LEU A 19 17.38 23.34 23.96
N PRO A 20 18.27 23.06 24.93
CA PRO A 20 19.60 23.70 24.83
C PRO A 20 20.40 23.21 23.65
N ARG A 21 21.50 23.92 23.39
CA ARG A 21 22.48 23.56 22.32
C ARG A 21 23.96 23.65 22.84
N PRO A 22 24.77 22.62 22.71
CA PRO A 22 24.36 21.23 22.34
C PRO A 22 23.35 20.66 23.31
N CYS A 23 22.76 19.54 22.92
CA CYS A 23 21.98 18.79 23.88
C CYS A 23 22.24 17.31 23.77
N ARG A 24 21.69 16.57 24.75
CA ARG A 24 21.89 15.15 24.91
C ARG A 24 20.53 14.46 24.99
N VAL A 25 20.32 13.50 24.08
CA VAL A 25 19.04 12.82 24.04
C VAL A 25 19.22 11.31 24.10
N LEU A 26 18.21 10.66 24.67
CA LEU A 26 18.07 9.21 24.63
C LEU A 26 17.18 8.82 23.44
N VAL A 27 17.67 7.91 22.60
CA VAL A 27 16.91 7.41 21.44
C VAL A 27 16.50 6.00 21.75
N LEU A 28 15.19 5.82 21.89
CA LEU A 28 14.62 4.51 22.09
C LEU A 28 14.16 4.05 20.74
N LEU A 29 14.70 2.93 20.31
CA LEU A 29 14.47 2.47 18.95
C LEU A 29 14.15 0.98 18.99
N ASN A 30 13.14 0.62 18.22
CA ASN A 30 12.75 -0.74 18.02
C ASN A 30 13.30 -1.21 16.68
N PRO A 31 14.32 -2.09 16.71
CA PRO A 31 14.99 -2.50 15.47
C PRO A 31 14.21 -3.50 14.62
N ARG A 32 13.40 -4.34 15.28
CA ARG A 32 12.48 -5.27 14.63
C ARG A 32 11.21 -4.50 14.40
N GLY A 33 11.30 -3.50 13.52
CA GLY A 33 10.26 -2.49 13.36
C GLY A 33 10.74 -1.45 12.36
N GLY A 34 9.81 -0.98 11.53
CA GLY A 34 10.14 -0.29 10.28
C GLY A 34 10.44 -1.34 9.22
N LYS A 35 9.59 -2.38 9.20
CA LYS A 35 9.89 -3.63 8.49
C LYS A 35 11.33 -4.07 8.74
N GLY A 36 11.78 -3.93 10.00
CA GLY A 36 13.16 -4.27 10.38
C GLY A 36 14.25 -3.32 9.96
N LYS A 37 13.90 -2.08 9.59
CA LYS A 37 14.89 -1.16 9.04
C LYS A 37 15.15 0.07 9.90
N ALA A 38 14.60 0.09 11.11
CA ALA A 38 14.68 1.31 11.90
C ALA A 38 16.10 1.73 12.22
N LEU A 39 16.94 0.79 12.61
CA LEU A 39 18.34 1.13 12.94
C LEU A 39 19.12 1.66 11.74
N GLN A 40 18.88 1.05 10.59
CA GLN A 40 19.53 1.45 9.36
C GLN A 40 19.11 2.87 9.00
N LEU A 41 17.81 3.16 9.13
CA LEU A 41 17.26 4.45 8.80
C LEU A 41 17.80 5.49 9.77
N PHE A 42 17.96 5.09 11.04
CA PHE A 42 18.54 6.06 12.00
C PHE A 42 19.93 6.49 11.55
N ARG A 43 20.77 5.50 11.20
CA ARG A 43 22.16 5.76 10.81
C ARG A 43 22.22 6.60 9.55
N SER A 44 21.33 6.33 8.60
CA SER A 44 21.43 7.00 7.28
C SER A 44 20.74 8.36 7.19
N HIS A 45 19.63 8.49 7.89
CA HIS A 45 18.80 9.67 7.78
C HIS A 45 18.75 10.56 9.00
N VAL A 46 18.96 10.01 10.18
CA VAL A 46 18.81 10.79 11.43
C VAL A 46 20.16 11.28 11.94
N GLN A 47 21.06 10.35 12.13
CA GLN A 47 22.38 10.64 12.69
C GLN A 47 23.17 11.77 12.07
N PRO A 48 23.28 11.83 10.72
CA PRO A 48 24.01 12.95 10.13
C PRO A 48 23.42 14.31 10.48
N LEU A 49 22.09 14.40 10.58
CA LEU A 49 21.44 15.67 10.93
C LEU A 49 21.64 16.02 12.40
N LEU A 50 21.59 15.02 13.29
CA LEU A 50 21.88 15.25 14.70
C LEU A 50 23.32 15.73 14.93
N ALA A 51 24.27 15.17 14.20
CA ALA A 51 25.70 15.56 14.33
C ALA A 51 25.87 17.01 13.95
N GLU A 52 25.28 17.40 12.84
CA GLU A 52 25.32 18.77 12.39
C GLU A 52 24.62 19.77 13.35
N ALA A 53 23.51 19.36 13.97
CA ALA A 53 22.79 20.19 14.93
C ALA A 53 23.35 20.15 16.38
N GLU A 54 24.46 19.46 16.57
CA GLU A 54 25.07 19.29 17.90
C GLU A 54 24.12 18.63 18.89
N ILE A 55 23.50 17.56 18.42
CA ILE A 55 22.64 16.72 19.27
C ILE A 55 23.38 15.41 19.49
N SER A 56 23.91 15.20 20.69
N SER A 56 23.90 15.21 20.70
CA SER A 56 24.53 13.93 21.00
CA SER A 56 24.52 13.95 21.06
C SER A 56 23.44 12.99 21.50
C SER A 56 23.43 13.00 21.50
N PHE A 57 23.66 11.70 21.32
CA PHE A 57 22.61 10.74 21.64
C PHE A 57 23.18 9.48 22.18
N THR A 58 22.32 8.74 22.84
CA THR A 58 22.60 7.34 23.15
C THR A 58 21.45 6.53 22.63
N LEU A 59 21.75 5.47 21.87
CA LEU A 59 20.73 4.50 21.41
C LEU A 59 20.50 3.38 22.41
N MET A 60 19.23 3.21 22.78
CA MET A 60 18.78 2.10 23.57
C MET A 60 17.75 1.28 22.76
N LEU A 61 18.04 0.00 22.58
CA LEU A 61 17.21 -0.83 21.73
C LEU A 61 16.09 -1.57 22.50
N THR A 62 14.84 -1.46 22.02
CA THR A 62 13.70 -2.18 22.61
C THR A 62 13.49 -3.54 21.94
N GLU A 63 13.11 -4.54 22.73
CA GLU A 63 13.15 -5.95 22.34
C GLU A 63 11.76 -6.59 22.26
N ARG A 64 10.76 -5.94 22.88
CA ARG A 64 9.44 -6.51 23.03
C ARG A 64 8.46 -5.48 23.59
N ARG A 65 7.18 -5.88 23.65
CA ARG A 65 6.12 -5.06 24.18
C ARG A 65 6.38 -4.67 25.65
N ASN A 66 6.15 -3.39 25.96
CA ASN A 66 6.33 -2.77 27.29
C ASN A 66 7.77 -2.62 27.74
N HIS A 67 8.72 -3.08 26.94
CA HIS A 67 10.10 -2.91 27.31
C HIS A 67 10.38 -1.43 27.52
N ALA A 68 10.01 -0.60 26.55
CA ALA A 68 10.19 0.83 26.70
C ALA A 68 9.47 1.40 27.93
N ARG A 69 8.27 0.89 28.21
CA ARG A 69 7.47 1.39 29.34
C ARG A 69 8.26 1.20 30.64
N GLU A 70 8.78 0.00 30.82
CA GLU A 70 9.53 -0.32 32.04
C GLU A 70 10.90 0.39 32.10
N LEU A 71 11.57 0.53 30.96
CA LEU A 71 12.83 1.34 30.88
C LEU A 71 12.63 2.80 31.28
N VAL A 72 11.59 3.42 30.74
CA VAL A 72 11.34 4.84 31.06
C VAL A 72 10.86 5.02 32.49
N ARG A 73 10.08 4.09 32.99
CA ARG A 73 9.64 4.13 34.37
C ARG A 73 10.80 4.17 35.38
N SER A 74 11.89 3.47 35.06
CA SER A 74 13.02 3.33 35.96
C SER A 74 14.24 4.16 35.53
N GLU A 75 14.08 5.02 34.53
CA GLU A 75 15.20 5.75 33.94
C GLU A 75 15.63 6.94 34.82
N GLU A 76 16.94 7.23 34.84
CA GLU A 76 17.43 8.51 35.38
C GLU A 76 17.19 9.57 34.33
N LEU A 77 16.20 10.41 34.52
CA LEU A 77 15.75 11.35 33.47
C LEU A 77 16.61 12.59 33.47
N GLY A 78 17.25 12.85 34.60
CA GLY A 78 17.99 14.10 34.83
C GLY A 78 19.13 14.33 33.85
N ARG A 79 19.70 13.25 33.35
CA ARG A 79 20.79 13.31 32.39
C ARG A 79 20.41 13.61 30.93
N TRP A 80 19.12 13.55 30.59
CA TRP A 80 18.68 13.80 29.20
C TRP A 80 17.94 15.11 29.04
N ASP A 81 18.18 15.79 27.92
CA ASP A 81 17.41 16.96 27.57
C ASP A 81 16.09 16.60 26.90
N ALA A 82 16.04 15.44 26.29
CA ALA A 82 14.81 14.92 25.68
C ALA A 82 14.89 13.41 25.51
N LEU A 83 13.72 12.81 25.35
CA LEU A 83 13.59 11.43 24.94
C LEU A 83 13.04 11.38 23.52
N VAL A 84 13.80 10.73 22.65
CA VAL A 84 13.45 10.56 21.25
C VAL A 84 13.00 9.10 21.01
N VAL A 85 11.81 8.93 20.46
CA VAL A 85 11.26 7.64 20.26
C VAL A 85 11.19 7.40 18.74
N MET A 86 11.91 6.40 18.24
CA MET A 86 11.91 6.11 16.79
C MET A 86 11.24 4.78 16.53
N SER A 87 9.99 4.87 16.07
N SER A 87 9.99 4.84 16.08
CA SER A 87 9.08 3.79 16.07
CA SER A 87 9.15 3.65 15.95
C SER A 87 7.78 4.14 15.41
C SER A 87 7.81 4.10 15.40
N GLY A 88 6.76 3.30 15.67
CA GLY A 88 5.38 3.66 15.37
C GLY A 88 4.78 4.37 16.56
N ASP A 89 3.46 4.57 16.51
CA ASP A 89 2.75 5.24 17.62
C ASP A 89 2.78 4.48 18.94
N GLY A 90 2.96 3.16 18.88
CA GLY A 90 2.92 2.31 20.09
C GLY A 90 4.05 2.59 21.08
N LEU A 91 5.23 2.88 20.57
CA LEU A 91 6.35 3.10 21.45
C LEU A 91 6.18 4.40 22.25
N MET A 92 5.63 5.45 21.64
CA MET A 92 5.38 6.66 22.34
C MET A 92 4.32 6.44 23.43
N HIS A 93 3.30 5.65 23.12
CA HIS A 93 2.32 5.26 24.12
C HIS A 93 3.02 4.65 25.36
N GLU A 94 3.95 3.75 25.13
CA GLU A 94 4.65 3.08 26.24
C GLU A 94 5.47 4.04 27.06
N VAL A 95 6.18 4.94 26.40
CA VAL A 95 6.99 5.94 27.06
C VAL A 95 6.17 6.82 28.01
N VAL A 96 5.06 7.34 27.52
CA VAL A 96 4.30 8.27 28.27
C VAL A 96 3.65 7.53 29.46
N ASN A 97 3.19 6.32 29.20
CA ASN A 97 2.66 5.53 30.28
C ASN A 97 3.72 5.19 31.34
N GLY A 98 4.97 4.99 30.91
CA GLY A 98 6.05 4.79 31.87
C GLY A 98 6.34 6.01 32.74
N LEU A 99 6.34 7.19 32.12
CA LEU A 99 6.54 8.43 32.88
C LEU A 99 5.43 8.64 33.90
N MET A 100 4.18 8.39 33.47
CA MET A 100 3.02 8.71 34.28
C MET A 100 2.88 7.76 35.47
N GLU A 101 3.51 6.59 35.45
CA GLU A 101 3.33 5.68 36.56
C GLU A 101 4.44 5.83 37.61
N ARG A 102 5.36 6.77 37.38
CA ARG A 102 6.43 7.02 38.37
C ARG A 102 5.92 7.83 39.56
N PRO A 103 6.58 7.68 40.74
CA PRO A 103 6.30 8.53 41.91
C PRO A 103 6.52 10.00 41.62
N ASP A 104 7.53 10.32 40.83
CA ASP A 104 7.82 11.72 40.43
C ASP A 104 7.16 12.09 39.07
N TRP A 105 6.03 11.45 38.77
CA TRP A 105 5.31 11.69 37.51
C TRP A 105 5.08 13.18 37.18
N GLU A 106 4.82 14.00 38.20
CA GLU A 106 4.54 15.39 37.94
C GLU A 106 5.70 16.11 37.28
N THR A 107 6.92 15.71 37.58
CA THR A 107 8.08 16.33 36.97
C THR A 107 8.55 15.46 35.78
N ALA A 108 8.34 14.15 35.85
CA ALA A 108 8.79 13.26 34.77
C ALA A 108 8.05 13.52 33.46
N ILE A 109 6.76 13.82 33.55
CA ILE A 109 5.95 14.12 32.38
C ILE A 109 6.35 15.43 31.66
N GLN A 110 7.17 16.26 32.30
CA GLN A 110 7.68 17.48 31.71
C GLN A 110 9.01 17.27 30.93
N LYS A 111 9.51 16.06 30.85
CA LYS A 111 10.69 15.78 30.01
C LYS A 111 10.30 15.85 28.53
N PRO A 112 10.95 16.74 27.75
CA PRO A 112 10.55 16.84 26.34
C PRO A 112 10.69 15.50 25.58
N LEU A 113 9.70 15.24 24.71
CA LEU A 113 9.59 14.03 23.93
C LEU A 113 9.62 14.39 22.44
N CYS A 114 10.05 13.47 21.63
CA CYS A 114 10.14 13.63 20.18
C CYS A 114 9.82 12.30 19.54
N SER A 115 8.98 12.36 18.52
CA SER A 115 8.53 11.20 17.77
C SER A 115 9.15 11.20 16.36
N LEU A 116 9.94 10.17 16.06
CA LEU A 116 10.48 9.97 14.73
C LEU A 116 9.87 8.74 14.14
N PRO A 117 9.37 8.83 12.90
CA PRO A 117 8.69 7.67 12.36
C PRO A 117 9.71 6.65 11.86
N ALA A 118 9.45 5.37 12.06
CA ALA A 118 10.42 4.37 11.58
C ALA A 118 10.17 3.59 10.28
N GLY A 119 9.17 3.94 9.48
CA GLY A 119 8.96 3.28 8.19
C GLY A 119 7.67 2.49 8.06
N SER A 120 7.01 2.19 9.19
CA SER A 120 5.73 1.48 9.18
C SER A 120 4.61 2.44 9.52
N GLY A 121 4.91 3.74 9.43
CA GLY A 121 3.94 4.78 9.75
C GLY A 121 4.13 5.30 11.17
N ASN A 122 3.34 6.33 11.47
CA ASN A 122 3.36 7.08 12.73
C ASN A 122 2.40 8.29 12.58
N ALA A 123 1.20 8.12 13.12
CA ALA A 123 0.18 9.17 13.08
C ALA A 123 0.57 10.40 13.85
N LEU A 124 1.26 10.25 14.97
CA LEU A 124 1.63 11.42 15.74
C LEU A 124 2.69 12.24 14.99
N ALA A 125 3.70 11.57 14.43
CA ALA A 125 4.71 12.23 13.60
C ALA A 125 4.08 12.94 12.37
N ALA A 126 3.18 12.24 11.68
CA ALA A 126 2.41 12.89 10.56
C ALA A 126 1.68 14.17 10.98
N SER A 127 1.04 14.10 12.16
CA SER A 127 0.36 15.26 12.70
C SER A 127 1.33 16.42 12.98
N LEU A 128 2.42 16.13 13.70
CA LEU A 128 3.43 17.13 14.01
C LEU A 128 4.05 17.79 12.72
N ASN A 129 4.31 16.97 11.72
CA ASN A 129 4.75 17.44 10.37
C ASN A 129 3.74 18.41 9.75
N HIS A 130 2.46 18.03 9.85
CA HIS A 130 1.33 18.90 9.43
C HIS A 130 1.29 20.24 10.17
N TYR A 131 1.32 20.20 11.50
CA TYR A 131 1.27 21.44 12.29
C TYR A 131 2.42 22.40 11.93
N ALA A 132 3.58 21.85 11.57
CA ALA A 132 4.78 22.63 11.30
C ALA A 132 4.67 23.31 9.93
N GLY A 133 3.69 22.91 9.12
CA GLY A 133 3.40 23.54 7.83
C GLY A 133 3.94 22.77 6.64
N TYR A 134 4.48 21.58 6.87
CA TYR A 134 4.96 20.75 5.78
C TYR A 134 3.85 20.05 5.04
N GLU A 135 4.15 19.71 3.80
CA GLU A 135 3.26 18.93 2.97
C GLU A 135 3.16 17.50 3.49
N GLN A 136 2.09 16.84 3.10
CA GLN A 136 1.72 15.53 3.61
C GLN A 136 2.57 14.38 3.02
N VAL A 137 3.79 14.22 3.54
CA VAL A 137 4.80 13.29 3.02
C VAL A 137 4.83 12.00 3.84
N THR A 138 5.49 10.99 3.27
CA THR A 138 5.52 9.64 3.83
C THR A 138 6.95 9.13 3.90
N ASN A 139 7.13 8.03 4.61
CA ASN A 139 8.36 7.26 4.67
C ASN A 139 9.60 8.11 5.01
N GLU A 140 10.66 8.05 4.19
CA GLU A 140 11.90 8.77 4.49
C GLU A 140 11.76 10.28 4.46
N ASP A 141 10.89 10.83 3.60
CA ASP A 141 10.67 12.27 3.60
C ASP A 141 10.06 12.73 4.95
N LEU A 142 9.18 11.90 5.49
CA LEU A 142 8.52 12.25 6.76
C LEU A 142 9.58 12.17 7.86
N LEU A 143 10.41 11.14 7.80
CA LEU A 143 11.50 10.97 8.78
C LEU A 143 12.45 12.16 8.77
N THR A 144 12.84 12.60 7.56
CA THR A 144 13.66 13.79 7.43
C THR A 144 13.05 15.05 8.03
N ASN A 145 11.79 15.35 7.71
CA ASN A 145 11.10 16.52 8.26
C ASN A 145 10.97 16.50 9.80
N CYS A 146 10.61 15.35 10.35
CA CYS A 146 10.48 15.20 11.80
C CYS A 146 11.87 15.32 12.45
N THR A 147 12.92 14.82 11.82
CA THR A 147 14.29 14.99 12.33
C THR A 147 14.73 16.45 12.30
N LEU A 148 14.39 17.17 11.22
CA LEU A 148 14.66 18.62 11.16
C LEU A 148 13.90 19.39 12.27
N LEU A 149 12.71 18.96 12.62
CA LEU A 149 12.00 19.60 13.74
C LEU A 149 12.78 19.37 15.03
N LEU A 150 13.29 18.17 15.24
CA LEU A 150 14.15 17.93 16.43
C LEU A 150 15.38 18.88 16.45
N CYS A 151 16.04 18.98 15.29
CA CYS A 151 17.20 19.83 15.12
C CYS A 151 16.88 21.30 15.37
N ARG A 152 15.66 21.75 15.03
CA ARG A 152 15.27 23.12 15.28
C ARG A 152 15.02 23.39 16.77
N ARG A 153 14.74 22.34 17.55
CA ARG A 153 14.69 22.45 19.03
C ARG A 153 13.52 23.10 19.70
N LEU A 154 12.50 23.53 18.94
CA LEU A 154 11.34 24.19 19.52
C LEU A 154 10.36 23.17 20.06
N LEU A 155 9.76 23.54 21.19
CA LEU A 155 8.83 22.66 21.90
C LEU A 155 7.44 23.26 21.97
N SER A 156 6.44 22.40 21.88
CA SER A 156 5.06 22.81 21.98
C SER A 156 4.35 21.90 22.97
N PRO A 157 3.43 22.44 23.74
CA PRO A 157 2.71 21.56 24.67
C PRO A 157 1.64 20.71 23.98
N MET A 158 1.42 19.50 24.50
CA MET A 158 0.44 18.60 23.92
C MET A 158 -0.57 18.21 25.00
N ASN A 159 -1.80 17.93 24.56
CA ASN A 159 -2.78 17.34 25.43
C ASN A 159 -2.54 15.83 25.77
N LEU A 160 -3.07 15.40 26.92
CA LEU A 160 -2.96 14.01 27.32
C LEU A 160 -4.33 13.54 27.80
N LEU A 161 -4.76 12.39 27.30
CA LEU A 161 -6.02 11.79 27.69
C LEU A 161 -5.80 10.73 28.81
N SER A 162 -6.43 10.95 29.96
CA SER A 162 -6.32 10.08 31.12
C SER A 162 -7.53 9.13 31.06
N LEU A 163 -7.30 7.83 31.11
CA LEU A 163 -8.33 6.82 30.89
C LEU A 163 -8.45 5.91 32.15
N HIS A 164 -9.69 5.53 32.42
CA HIS A 164 -10.07 4.61 33.52
C HIS A 164 -11.03 3.57 32.97
N THR A 165 -10.82 2.30 33.31
CA THR A 165 -11.73 1.25 32.85
C THR A 165 -12.50 0.62 34.01
N ALA A 166 -13.55 -0.11 33.69
CA ALA A 166 -14.38 -0.75 34.71
C ALA A 166 -13.56 -1.69 35.62
N SER A 167 -12.53 -2.30 35.06
CA SER A 167 -11.66 -3.20 35.82
C SER A 167 -10.58 -2.51 36.64
N GLY A 168 -10.54 -1.18 36.60
CA GLY A 168 -9.61 -0.40 37.38
C GLY A 168 -8.31 -0.06 36.73
N LEU A 169 -8.14 -0.49 35.47
CA LEU A 169 -7.01 -0.08 34.69
C LEU A 169 -6.94 1.44 34.57
N ARG A 170 -5.73 1.97 34.75
CA ARG A 170 -5.42 3.37 34.60
C ARG A 170 -4.38 3.45 33.47
N LEU A 171 -4.69 4.22 32.44
CA LEU A 171 -3.91 4.29 31.23
C LEU A 171 -3.96 5.70 30.65
N PHE A 172 -2.94 6.09 29.88
CA PHE A 172 -2.88 7.41 29.22
C PHE A 172 -2.73 7.27 27.73
N SER A 173 -3.35 8.16 27.00
CA SER A 173 -3.38 8.11 25.57
C SER A 173 -2.84 9.47 25.04
N VAL A 174 -1.89 9.38 24.12
CA VAL A 174 -1.34 10.56 23.47
C VAL A 174 -2.00 10.87 22.13
N LEU A 175 -2.70 9.91 21.55
CA LEU A 175 -3.17 10.01 20.20
C LEU A 175 -4.65 9.66 20.03
N SER A 176 -5.07 8.46 20.46
CA SER A 176 -6.42 8.00 20.14
C SER A 176 -6.93 6.91 21.01
N LEU A 177 -8.25 6.81 21.11
CA LEU A 177 -8.90 5.61 21.58
C LEU A 177 -9.96 5.27 20.55
N ALA A 178 -9.91 4.05 20.04
CA ALA A 178 -10.84 3.59 19.01
C ALA A 178 -11.59 2.37 19.46
N TRP A 179 -12.83 2.30 19.02
CA TRP A 179 -13.71 1.17 19.27
C TRP A 179 -14.57 0.90 18.04
N GLY A 180 -14.90 -0.36 17.79
CA GLY A 180 -15.67 -0.71 16.62
C GLY A 180 -14.76 -0.92 15.42
N PHE A 181 -15.22 -0.43 14.28
CA PHE A 181 -14.59 -0.68 12.98
C PHE A 181 -13.09 -0.40 13.01
N ILE A 182 -12.71 0.78 13.51
CA ILE A 182 -11.29 1.15 13.53
C ILE A 182 -10.46 0.22 14.38
N ALA A 183 -10.92 -0.14 15.56
CA ALA A 183 -10.15 -1.04 16.40
C ALA A 183 -10.01 -2.43 15.76
N ASP A 184 -11.05 -2.86 15.07
CA ASP A 184 -11.06 -4.16 14.40
C ASP A 184 -10.03 -4.17 13.29
N VAL A 185 -9.88 -3.03 12.63
CA VAL A 185 -8.88 -2.87 11.57
C VAL A 185 -7.51 -2.88 12.18
N ASP A 186 -7.32 -2.21 13.33
CA ASP A 186 -6.03 -2.26 14.03
C ASP A 186 -5.66 -3.72 14.33
N LEU A 187 -6.61 -4.51 14.82
CA LEU A 187 -6.39 -5.94 15.14
C LEU A 187 -6.03 -6.76 13.91
N GLU A 188 -6.88 -6.72 12.89
CA GLU A 188 -6.69 -7.44 11.62
C GLU A 188 -5.37 -7.08 10.97
N SER A 189 -4.96 -5.82 11.07
CA SER A 189 -3.80 -5.31 10.34
C SER A 189 -2.46 -5.82 10.94
N GLU A 190 -2.49 -6.38 12.14
CA GLU A 190 -1.31 -6.99 12.72
C GLU A 190 -0.79 -8.18 11.91
N LYS A 191 -1.68 -8.84 11.18
CA LYS A 191 -1.31 -9.96 10.32
C LYS A 191 -0.61 -9.54 9.03
N TYR A 192 -0.54 -8.24 8.76
CA TYR A 192 -0.03 -7.73 7.48
C TYR A 192 1.06 -6.70 7.63
N ARG A 193 1.87 -6.82 8.67
CA ARG A 193 2.98 -5.85 8.91
C ARG A 193 3.97 -5.69 7.75
N ARG A 194 4.13 -6.73 6.95
CA ARG A 194 4.97 -6.64 5.76
C ARG A 194 4.49 -5.58 4.76
N LEU A 195 3.22 -5.19 4.82
CA LEU A 195 2.70 -4.17 3.90
C LEU A 195 3.01 -2.75 4.34
N GLY A 196 3.58 -2.58 5.52
CA GLY A 196 3.86 -1.25 6.03
C GLY A 196 2.57 -0.57 6.43
N GLU A 197 2.45 0.72 6.19
CA GLU A 197 1.25 1.46 6.58
C GLU A 197 -0.02 1.07 5.78
N MET A 198 0.19 0.54 4.58
CA MET A 198 -0.91 0.05 3.75
C MET A 198 -1.64 -1.14 4.39
N ARG A 199 -1.05 -1.76 5.42
CA ARG A 199 -1.76 -2.76 6.19
C ARG A 199 -3.09 -2.24 6.70
N PHE A 200 -3.20 -0.96 6.97
CA PHE A 200 -4.46 -0.41 7.50
C PHE A 200 -5.49 -0.24 6.40
N THR A 201 -5.04 -0.02 5.19
CA THR A 201 -5.96 0.07 4.05
C THR A 201 -6.53 -1.27 3.68
N LEU A 202 -5.68 -2.28 3.67
CA LEU A 202 -6.15 -3.61 3.43
C LEU A 202 -7.10 -4.01 4.54
N GLY A 203 -6.72 -3.78 5.80
CA GLY A 203 -7.64 -4.11 6.89
C GLY A 203 -8.99 -3.45 6.78
N THR A 204 -8.99 -2.19 6.34
CA THR A 204 -10.21 -1.48 6.13
C THR A 204 -11.07 -2.13 5.09
N PHE A 205 -10.50 -2.50 3.95
CA PHE A 205 -11.31 -3.19 2.93
C PHE A 205 -11.87 -4.48 3.41
N LEU A 206 -11.07 -5.25 4.12
CA LEU A 206 -11.56 -6.51 4.64
C LEU A 206 -12.69 -6.32 5.63
N ARG A 207 -12.53 -5.38 6.55
CA ARG A 207 -13.59 -5.14 7.53
C ARG A 207 -14.81 -4.57 6.86
N LEU A 208 -14.62 -3.71 5.87
CA LEU A 208 -15.74 -3.11 5.15
C LEU A 208 -16.52 -4.19 4.43
N ALA A 209 -15.81 -5.07 3.75
CA ALA A 209 -16.46 -6.21 3.10
C ALA A 209 -17.31 -7.00 4.08
N ALA A 210 -16.91 -7.08 5.35
CA ALA A 210 -17.69 -7.78 6.39
C ALA A 210 -18.31 -6.82 7.43
N LEU A 211 -18.83 -5.68 6.96
CA LEU A 211 -19.28 -4.61 7.86
C LEU A 211 -20.25 -5.10 8.91
N ARG A 212 -20.02 -4.70 10.15
CA ARG A 212 -20.93 -4.97 11.26
C ARG A 212 -21.07 -3.73 12.14
N THR A 213 -22.11 -3.71 12.97
CA THR A 213 -22.25 -2.68 13.98
C THR A 213 -21.95 -3.27 15.33
N TYR A 214 -21.79 -2.37 16.30
CA TYR A 214 -21.37 -2.74 17.64
C TYR A 214 -22.31 -2.04 18.60
N ARG A 215 -22.88 -2.81 19.52
CA ARG A 215 -23.83 -2.32 20.52
C ARG A 215 -23.07 -1.64 21.62
N GLY A 216 -23.51 -0.44 22.00
CA GLY A 216 -22.94 0.19 23.17
C GLY A 216 -23.50 1.55 23.44
N ARG A 217 -23.06 2.16 24.53
CA ARG A 217 -23.57 3.49 24.89
C ARG A 217 -22.45 4.51 25.05
N LEU A 218 -22.65 5.67 24.43
CA LEU A 218 -21.67 6.76 24.44
C LEU A 218 -22.23 8.03 25.07
N ALA A 219 -21.42 8.67 25.90
CA ALA A 219 -21.81 9.95 26.53
C ALA A 219 -20.55 10.82 26.55
N TYR A 220 -20.72 12.13 26.54
CA TYR A 220 -19.56 13.00 26.45
C TYR A 220 -19.86 14.37 27.03
N LEU A 221 -18.81 15.09 27.36
CA LEU A 221 -18.95 16.46 27.95
C LEU A 221 -18.35 17.41 26.93
N PRO A 222 -19.22 18.10 26.14
CA PRO A 222 -18.68 18.99 25.09
C PRO A 222 -17.95 20.18 25.69
N VAL A 223 -16.94 20.65 24.99
CA VAL A 223 -16.15 21.78 25.50
C VAL A 223 -17.02 23.01 25.77
N GLY A 224 -18.05 23.20 24.97
CA GLY A 224 -18.97 24.34 25.13
C GLY A 224 -19.64 24.40 26.49
N ARG A 225 -19.83 23.25 27.14
CA ARG A 225 -20.58 23.21 28.40
C ARG A 225 -19.84 23.76 29.60
N VAL A 226 -18.55 23.41 29.71
CA VAL A 226 -17.72 23.75 30.86
C VAL A 226 -16.46 24.50 30.53
N GLY A 227 -16.05 24.49 29.26
CA GLY A 227 -14.74 24.99 28.96
C GLY A 227 -13.62 24.01 29.32
N SER A 228 -12.41 24.34 28.92
CA SER A 228 -11.27 23.42 29.03
C SER A 228 -10.39 23.61 30.27
N LYS A 229 -10.73 24.53 31.15
CA LYS A 229 -9.92 24.75 32.34
C LYS A 229 -9.99 23.48 33.21
N THR A 230 -8.88 23.09 33.82
CA THR A 230 -8.91 21.92 34.70
C THR A 230 -9.74 22.27 35.94
N PRO A 231 -10.79 21.48 36.25
CA PRO A 231 -11.49 21.79 37.52
C PRO A 231 -10.70 21.29 38.75
N ALA A 232 -10.73 22.07 39.84
CA ALA A 232 -10.29 21.57 41.17
C ALA A 232 -11.17 20.41 41.66
N SER A 233 -10.56 19.43 42.33
CA SER A 233 -11.28 18.28 42.87
C SER A 233 -12.06 18.64 44.14
N GLY A 240 -2.48 11.79 41.55
CA GLY A 240 -3.14 12.31 40.36
C GLY A 240 -2.67 11.59 39.13
N PRO A 241 -2.97 12.16 37.97
CA PRO A 241 -3.73 13.40 37.86
C PRO A 241 -5.17 13.18 38.31
N VAL A 242 -5.76 14.25 38.82
CA VAL A 242 -7.15 14.29 39.21
C VAL A 242 -8.01 14.50 37.95
N ASP A 243 -8.98 13.62 37.76
CA ASP A 243 -9.97 13.71 36.66
C ASP A 243 -11.35 14.13 37.25
N ALA A 244 -11.45 15.43 37.58
CA ALA A 244 -12.61 15.93 38.33
C ALA A 244 -13.91 16.05 37.52
N HIS A 245 -13.86 15.89 36.20
CA HIS A 245 -15.09 15.81 35.42
C HIS A 245 -15.70 14.39 35.50
N LEU A 246 -14.92 13.39 35.95
CA LEU A 246 -15.41 12.02 35.93
C LEU A 246 -16.07 11.69 37.23
N VAL A 247 -17.13 10.91 37.14
CA VAL A 247 -17.67 10.17 38.30
C VAL A 247 -17.44 8.68 38.07
N PRO A 248 -17.51 7.89 39.15
CA PRO A 248 -17.19 6.46 38.95
C PRO A 248 -18.07 5.75 37.91
N LEU A 249 -17.47 4.79 37.20
CA LEU A 249 -18.17 4.06 36.13
C LEU A 249 -19.44 3.35 36.60
N GLU A 250 -19.47 2.97 37.87
CA GLU A 250 -20.69 2.39 38.45
C GLU A 250 -21.82 3.41 38.74
N GLU A 251 -21.56 4.71 38.60
CA GLU A 251 -22.59 5.75 38.70
C GLU A 251 -23.01 6.27 37.31
N PRO A 252 -24.29 6.70 37.15
CA PRO A 252 -24.70 7.36 35.89
C PRO A 252 -23.81 8.57 35.58
N VAL A 253 -23.60 8.86 34.28
CA VAL A 253 -22.87 10.09 33.97
C VAL A 253 -23.62 11.33 34.49
N PRO A 254 -22.87 12.39 34.76
CA PRO A 254 -23.52 13.61 35.31
C PRO A 254 -24.59 14.19 34.37
N SER A 255 -25.59 14.86 34.98
CA SER A 255 -26.75 15.40 34.24
C SER A 255 -26.40 16.42 33.16
N HIS A 256 -25.29 17.10 33.31
CA HIS A 256 -24.88 18.11 32.33
C HIS A 256 -24.09 17.57 31.13
N TRP A 257 -23.81 16.26 31.11
CA TRP A 257 -23.18 15.66 29.93
C TRP A 257 -24.23 15.45 28.85
N THR A 258 -23.77 15.10 27.68
CA THR A 258 -24.64 14.72 26.60
C THR A 258 -24.63 13.20 26.50
N VAL A 259 -25.79 12.57 26.53
CA VAL A 259 -25.85 11.11 26.26
C VAL A 259 -26.32 10.89 24.83
N VAL A 260 -25.57 10.12 24.05
CA VAL A 260 -25.96 9.86 22.67
C VAL A 260 -27.12 8.83 22.66
N PRO A 261 -28.21 9.08 21.91
CA PRO A 261 -29.33 8.12 22.02
C PRO A 261 -29.12 6.78 21.31
N ASP A 262 -28.31 6.76 20.26
CA ASP A 262 -28.00 5.53 19.52
C ASP A 262 -27.51 4.41 20.42
N GLU A 263 -27.98 3.21 20.16
CA GLU A 263 -27.53 2.04 20.87
C GLU A 263 -26.54 1.19 20.06
N ASP A 264 -26.34 1.53 18.77
N ASP A 264 -26.30 1.53 18.80
CA ASP A 264 -25.44 0.76 17.88
CA ASP A 264 -25.26 0.82 18.08
C ASP A 264 -24.56 1.71 17.06
C ASP A 264 -24.53 1.72 17.10
N PHE A 265 -23.27 1.38 16.92
CA PHE A 265 -22.31 2.25 16.22
C PHE A 265 -21.55 1.43 15.21
N VAL A 266 -21.05 2.08 14.18
CA VAL A 266 -20.07 1.47 13.33
C VAL A 266 -18.70 1.66 13.96
N LEU A 267 -18.47 2.87 14.49
CA LEU A 267 -17.20 3.16 15.19
C LEU A 267 -17.37 4.33 16.15
N VAL A 268 -16.48 4.37 17.11
CA VAL A 268 -16.29 5.54 17.94
C VAL A 268 -14.80 5.79 18.05
N LEU A 269 -14.41 7.06 17.93
CA LEU A 269 -13.00 7.47 17.94
C LEU A 269 -12.76 8.76 18.70
N ALA A 270 -11.99 8.67 19.79
CA ALA A 270 -11.45 9.83 20.42
C ALA A 270 -10.07 10.05 19.81
N LEU A 271 -9.83 11.27 19.33
CA LEU A 271 -8.61 11.61 18.61
C LEU A 271 -8.07 12.98 19.07
N LEU A 272 -6.78 12.97 19.47
CA LEU A 272 -6.12 14.16 20.00
C LEU A 272 -5.39 14.96 18.95
N HIS A 273 -5.27 14.40 17.73
CA HIS A 273 -4.42 14.98 16.69
C HIS A 273 -5.10 14.97 15.34
N SER A 274 -4.44 15.54 14.34
CA SER A 274 -5.07 15.76 13.03
C SER A 274 -5.05 14.49 12.17
N HIS A 275 -4.09 13.61 12.40
CA HIS A 275 -3.87 12.49 11.51
C HIS A 275 -3.97 11.14 12.15
N LEU A 276 -4.49 10.19 11.39
CA LEU A 276 -4.57 8.78 11.78
C LEU A 276 -3.46 7.94 11.15
N GLY A 277 -2.73 8.54 10.23
CA GLY A 277 -1.64 7.92 9.51
C GLY A 277 -1.01 8.99 8.63
N SER A 278 0.12 8.71 8.04
CA SER A 278 0.77 9.71 7.25
C SER A 278 -0.07 10.21 6.05
N GLU A 279 -0.97 9.37 5.51
CA GLU A 279 -1.88 9.82 4.46
C GLU A 279 -3.36 9.76 4.86
N MET A 280 -3.64 10.02 6.12
CA MET A 280 -5.00 10.00 6.62
C MET A 280 -5.23 11.23 7.49
N PHE A 281 -5.72 12.30 6.87
CA PHE A 281 -5.95 13.57 7.51
C PHE A 281 -7.34 13.55 8.10
N ALA A 282 -7.47 12.97 9.30
CA ALA A 282 -8.79 12.61 9.83
C ALA A 282 -9.55 13.79 10.40
N ALA A 283 -8.84 14.80 10.88
CA ALA A 283 -9.46 15.88 11.61
C ALA A 283 -8.99 17.18 11.01
N PRO A 284 -9.60 17.58 9.88
CA PRO A 284 -9.14 18.79 9.19
C PRO A 284 -9.69 20.09 9.74
N MET A 285 -10.45 20.04 10.83
CA MET A 285 -11.07 21.26 11.41
C MET A 285 -10.15 22.13 12.28
N GLY A 286 -8.86 21.81 12.36
CA GLY A 286 -7.90 22.65 13.06
C GLY A 286 -7.33 21.92 14.27
N ARG A 287 -6.09 22.25 14.61
CA ARG A 287 -5.37 21.63 15.73
C ARG A 287 -6.23 21.78 16.98
N CYS A 288 -6.23 20.78 17.85
CA CYS A 288 -7.04 20.88 19.10
C CYS A 288 -6.61 22.03 19.99
N ALA A 289 -7.57 22.76 20.52
CA ALA A 289 -7.27 23.69 21.60
C ALA A 289 -6.73 22.93 22.82
N ALA A 290 -6.08 23.68 23.71
CA ALA A 290 -5.62 23.14 24.96
C ALA A 290 -6.79 22.51 25.69
N GLY A 291 -6.64 21.27 26.14
CA GLY A 291 -7.66 20.60 26.96
C GLY A 291 -8.86 20.00 26.22
N VAL A 292 -8.78 19.90 24.89
CA VAL A 292 -9.90 19.48 24.04
C VAL A 292 -9.42 18.39 23.08
N MET A 293 -10.25 17.41 22.89
CA MET A 293 -10.02 16.44 21.83
C MET A 293 -11.20 16.29 20.91
N HIS A 294 -10.91 15.73 19.76
CA HIS A 294 -11.94 15.41 18.77
C HIS A 294 -12.64 14.12 19.20
N LEU A 295 -13.96 14.09 19.11
CA LEU A 295 -14.70 12.85 19.19
C LEU A 295 -15.50 12.63 17.92
N PHE A 296 -15.31 11.49 17.29
CA PHE A 296 -16.08 11.11 16.12
C PHE A 296 -16.83 9.87 16.45
N TYR A 297 -18.02 9.76 15.89
CA TYR A 297 -18.68 8.46 15.84
C TYR A 297 -19.53 8.34 14.59
N VAL A 298 -19.69 7.11 14.17
CA VAL A 298 -20.46 6.76 13.02
C VAL A 298 -21.64 5.92 13.48
N ARG A 299 -22.83 6.42 13.17
CA ARG A 299 -24.08 5.76 13.53
C ARG A 299 -24.40 4.60 12.57
N ALA A 300 -25.07 3.57 13.08
CA ALA A 300 -25.51 2.43 12.28
C ALA A 300 -26.47 2.88 11.18
N GLY A 301 -26.40 2.25 10.03
CA GLY A 301 -27.31 2.57 8.91
C GLY A 301 -26.57 3.07 7.69
N VAL A 302 -25.36 3.56 7.89
CA VAL A 302 -24.52 4.01 6.78
C VAL A 302 -24.17 2.83 5.86
N SER A 303 -24.04 3.12 4.58
CA SER A 303 -23.72 2.07 3.62
C SER A 303 -22.22 1.84 3.50
N ARG A 304 -21.87 0.64 3.04
CA ARG A 304 -20.47 0.35 2.73
C ARG A 304 -19.94 1.34 1.75
N ALA A 305 -20.74 1.72 0.77
CA ALA A 305 -20.26 2.58 -0.29
C ALA A 305 -19.96 3.95 0.23
N MET A 306 -20.83 4.51 1.06
CA MET A 306 -20.53 5.81 1.70
C MET A 306 -19.30 5.73 2.61
N LEU A 307 -19.17 4.67 3.38
CA LEU A 307 -18.00 4.51 4.25
C LEU A 307 -16.71 4.48 3.44
N LEU A 308 -16.73 3.77 2.31
CA LEU A 308 -15.59 3.83 1.41
C LEU A 308 -15.31 5.22 0.88
N ARG A 309 -16.33 5.96 0.50
CA ARG A 309 -16.15 7.29 -0.02
C ARG A 309 -15.50 8.14 1.04
N LEU A 310 -15.96 8.00 2.28
CA LEU A 310 -15.43 8.79 3.38
C LEU A 310 -13.95 8.44 3.61
N PHE A 311 -13.66 7.14 3.66
CA PHE A 311 -12.28 6.69 3.85
C PHE A 311 -11.35 7.30 2.82
N LEU A 312 -11.71 7.18 1.54
CA LEU A 312 -10.85 7.71 0.47
C LEU A 312 -10.67 9.22 0.51
N ALA A 313 -11.72 9.93 0.86
CA ALA A 313 -11.70 11.37 0.99
C ALA A 313 -10.81 11.85 2.14
N MET A 314 -10.58 10.98 3.12
CA MET A 314 -9.74 11.31 4.27
C MET A 314 -8.28 11.60 3.93
N GLU A 315 -7.80 11.07 2.81
CA GLU A 315 -6.45 11.39 2.37
C GLU A 315 -6.17 12.91 2.31
N LYS A 316 -7.06 13.67 1.70
CA LYS A 316 -6.92 15.13 1.63
C LYS A 316 -7.78 15.87 2.65
N GLY A 317 -8.33 15.13 3.60
CA GLY A 317 -9.12 15.73 4.65
C GLY A 317 -10.43 16.32 4.16
N ARG A 318 -11.04 15.68 3.16
CA ARG A 318 -12.26 16.20 2.52
C ARG A 318 -13.51 15.44 2.89
N HIS A 319 -13.38 14.42 3.75
CA HIS A 319 -14.50 13.62 4.17
C HIS A 319 -15.66 14.38 4.83
N MET A 320 -15.40 15.47 5.53
CA MET A 320 -16.51 16.22 6.17
C MET A 320 -17.39 16.96 5.14
N GLU A 321 -16.85 17.20 3.94
CA GLU A 321 -17.61 17.90 2.89
C GLU A 321 -18.81 17.09 2.38
N TYR A 322 -18.79 15.78 2.57
CA TYR A 322 -19.93 14.95 2.17
C TYR A 322 -21.18 15.24 2.99
N GLU A 323 -21.01 15.81 4.18
CA GLU A 323 -22.11 16.04 5.11
C GLU A 323 -22.95 14.80 5.29
N CYS A 324 -22.28 13.65 5.38
CA CYS A 324 -22.96 12.38 5.67
C CYS A 324 -23.57 12.47 7.06
N PRO A 325 -24.89 12.20 7.19
CA PRO A 325 -25.51 12.39 8.51
C PRO A 325 -25.15 11.28 9.51
N TYR A 326 -24.53 10.21 9.03
CA TYR A 326 -24.13 9.14 9.93
C TYR A 326 -22.78 9.41 10.64
N LEU A 327 -21.99 10.33 10.12
CA LEU A 327 -20.71 10.72 10.74
C LEU A 327 -20.91 11.96 11.61
N VAL A 328 -20.73 11.83 12.92
CA VAL A 328 -20.94 12.95 13.84
C VAL A 328 -19.61 13.35 14.49
N TYR A 329 -19.34 14.63 14.56
CA TYR A 329 -18.11 15.16 15.16
C TYR A 329 -18.46 16.13 16.25
N VAL A 330 -17.77 16.02 17.37
CA VAL A 330 -17.94 16.95 18.47
CA VAL A 330 -17.95 16.95 18.50
C VAL A 330 -16.62 17.13 19.24
N PRO A 331 -16.24 18.38 19.57
CA PRO A 331 -15.07 18.62 20.43
C PRO A 331 -15.42 18.47 21.92
N VAL A 332 -14.63 17.68 22.67
CA VAL A 332 -15.01 17.32 24.04
C VAL A 332 -13.85 17.43 25.01
N VAL A 333 -14.18 17.51 26.28
CA VAL A 333 -13.20 17.43 27.31
C VAL A 333 -13.21 16.10 28.09
N ALA A 334 -14.25 15.31 27.89
CA ALA A 334 -14.39 14.02 28.57
C ALA A 334 -15.39 13.18 27.82
N PHE A 335 -15.30 11.87 28.08
CA PHE A 335 -16.26 10.94 27.54
C PHE A 335 -16.35 9.65 28.38
N ARG A 336 -17.43 8.91 28.11
CA ARG A 336 -17.66 7.55 28.63
C ARG A 336 -18.21 6.70 27.52
N LEU A 337 -17.61 5.53 27.34
CA LEU A 337 -18.06 4.55 26.40
C LEU A 337 -18.28 3.20 27.14
N GLU A 338 -19.47 2.62 26.97
CA GLU A 338 -19.87 1.34 27.55
C GLU A 338 -20.22 0.36 26.44
N PRO A 339 -19.24 -0.41 26.00
CA PRO A 339 -19.52 -1.45 24.99
C PRO A 339 -20.42 -2.53 25.57
N LYS A 340 -21.38 -2.99 24.77
CA LYS A 340 -22.26 -4.11 25.11
C LYS A 340 -22.27 -5.08 23.95
N ASP A 341 -21.12 -5.26 23.33
CA ASP A 341 -20.99 -5.96 22.04
C ASP A 341 -20.34 -7.35 22.16
N GLY A 342 -20.24 -7.89 23.37
CA GLY A 342 -19.50 -9.13 23.59
C GLY A 342 -18.01 -8.92 23.38
N LYS A 343 -17.24 -10.00 23.44
CA LYS A 343 -15.78 -9.93 23.34
C LYS A 343 -15.31 -9.01 22.20
N GLY A 344 -14.53 -7.99 22.54
CA GLY A 344 -14.04 -7.08 21.50
C GLY A 344 -12.80 -6.38 21.97
N VAL A 345 -12.40 -5.37 21.19
CA VAL A 345 -11.17 -4.66 21.43
C VAL A 345 -11.34 -3.15 21.33
N PHE A 346 -10.41 -2.49 22.00
CA PHE A 346 -10.12 -1.11 21.82
C PHE A 346 -8.72 -1.10 21.23
N ALA A 347 -8.40 0.01 20.57
CA ALA A 347 -7.08 0.33 20.18
C ALA A 347 -6.80 1.66 20.85
N VAL A 348 -5.78 1.68 21.71
CA VAL A 348 -5.35 2.90 22.35
C VAL A 348 -3.98 3.26 21.80
N ASP A 349 -3.90 4.39 21.10
CA ASP A 349 -2.69 4.77 20.41
C ASP A 349 -2.20 3.64 19.48
N GLY A 350 -3.15 2.94 18.88
CA GLY A 350 -2.90 1.78 18.05
C GLY A 350 -2.63 0.48 18.76
N GLU A 351 -2.45 0.52 20.08
CA GLU A 351 -2.21 -0.67 20.89
C GLU A 351 -3.51 -1.35 21.32
N LEU A 352 -3.57 -2.66 21.15
CA LEU A 352 -4.80 -3.39 21.40
C LEU A 352 -4.97 -3.75 22.87
N MET A 353 -6.21 -3.68 23.34
CA MET A 353 -6.59 -4.17 24.65
C MET A 353 -8.02 -4.65 24.57
N VAL A 354 -8.43 -5.44 25.57
CA VAL A 354 -9.76 -6.00 25.62
C VAL A 354 -10.70 -4.87 25.95
N SER A 355 -11.80 -4.79 25.24
CA SER A 355 -12.78 -3.74 25.44
C SER A 355 -13.63 -3.98 26.71
N GLU A 356 -13.99 -2.89 27.36
CA GLU A 356 -14.80 -2.88 28.59
C GLU A 356 -15.22 -1.40 28.81
N ALA A 357 -16.10 -1.12 29.75
CA ALA A 357 -16.49 0.27 29.96
C ALA A 357 -15.23 1.11 30.24
N VAL A 358 -15.23 2.31 29.69
CA VAL A 358 -14.07 3.18 29.84
C VAL A 358 -14.52 4.62 29.84
N GLN A 359 -13.77 5.46 30.53
CA GLN A 359 -14.03 6.88 30.47
C GLN A 359 -12.73 7.61 30.56
N GLY A 360 -12.72 8.82 30.04
CA GLY A 360 -11.51 9.59 30.03
C GLY A 360 -11.73 11.10 30.12
N GLN A 361 -10.68 11.79 30.51
CA GLN A 361 -10.66 13.25 30.57
C GLN A 361 -9.38 13.75 29.92
N VAL A 362 -9.50 14.84 29.17
CA VAL A 362 -8.37 15.46 28.52
C VAL A 362 -7.68 16.41 29.50
N HIS A 363 -6.36 16.31 29.61
CA HIS A 363 -5.59 17.32 30.35
C HIS A 363 -4.81 18.21 29.42
N PRO A 364 -4.93 19.51 29.64
CA PRO A 364 -4.34 20.48 28.72
C PRO A 364 -2.85 20.64 28.92
N ASN A 365 -2.14 20.76 27.80
CA ASN A 365 -0.76 21.24 27.81
C ASN A 365 0.04 20.55 28.88
N TYR A 366 0.03 19.23 28.76
CA TYR A 366 0.48 18.39 29.82
C TYR A 366 1.90 17.90 29.68
N PHE A 367 2.37 17.80 28.44
CA PHE A 367 3.75 17.43 28.17
C PHE A 367 4.26 18.23 26.95
N TRP A 368 5.57 18.21 26.75
CA TRP A 368 6.22 18.95 25.67
C TRP A 368 6.65 18.00 24.57
N MET A 369 6.40 18.40 23.32
CA MET A 369 7.01 17.72 22.21
C MET A 369 7.80 18.67 21.31
N VAL A 370 8.88 18.14 20.78
CA VAL A 370 9.59 18.77 19.71
C VAL A 370 8.57 18.91 18.58
N SER A 371 8.48 20.07 17.99
CA SER A 371 7.39 20.29 17.05
C SER A 371 7.57 21.57 16.28
N PRO B 15 19.24 -20.73 -24.49
CA PRO B 15 20.08 -19.67 -25.04
C PRO B 15 20.25 -18.52 -24.06
N ARG B 16 21.47 -18.02 -23.94
CA ARG B 16 21.76 -16.87 -23.09
C ARG B 16 22.65 -15.91 -23.90
N GLY B 17 22.69 -14.65 -23.46
CA GLY B 17 23.50 -13.64 -24.11
C GLY B 17 23.98 -12.69 -23.06
N VAL B 18 24.87 -11.78 -23.44
CA VAL B 18 25.41 -10.82 -22.49
C VAL B 18 25.63 -9.48 -23.16
N LEU B 19 25.33 -8.40 -22.46
CA LEU B 19 25.61 -7.05 -22.95
C LEU B 19 27.10 -6.78 -22.88
N PRO B 20 27.64 -5.99 -23.84
CA PRO B 20 29.05 -5.62 -23.66
C PRO B 20 29.29 -4.71 -22.45
N ARG B 21 30.57 -4.52 -22.15
CA ARG B 21 31.02 -3.60 -21.05
C ARG B 21 32.23 -2.71 -21.51
N PRO B 22 32.16 -1.40 -21.37
CA PRO B 22 30.93 -0.62 -21.05
C PRO B 22 29.83 -0.83 -22.06
N CYS B 23 28.64 -0.41 -21.71
CA CYS B 23 27.59 -0.34 -22.70
C CYS B 23 26.82 0.94 -22.60
N ARG B 24 25.96 1.16 -23.62
CA ARG B 24 25.20 2.38 -23.81
C ARG B 24 23.73 2.01 -23.94
N VAL B 25 22.90 2.58 -23.05
CA VAL B 25 21.47 2.27 -23.07
C VAL B 25 20.61 3.52 -23.14
N LEU B 26 19.46 3.34 -23.77
CA LEU B 26 18.40 4.35 -23.78
C LEU B 26 17.41 4.06 -22.66
N VAL B 27 17.17 5.06 -21.80
CA VAL B 27 16.23 4.91 -20.69
C VAL B 27 14.99 5.71 -21.03
N LEU B 28 13.90 4.99 -21.24
CA LEU B 28 12.60 5.60 -21.50
C LEU B 28 11.90 5.63 -20.16
N LEU B 29 11.57 6.82 -19.71
CA LEU B 29 11.07 7.02 -18.36
C LEU B 29 9.86 7.90 -18.38
N ASN B 30 8.83 7.47 -17.69
CA ASN B 30 7.62 8.23 -17.51
C ASN B 30 7.65 8.93 -16.16
N PRO B 31 7.82 10.26 -16.15
CA PRO B 31 8.03 10.98 -14.90
C PRO B 31 6.75 11.20 -14.10
N ARG B 32 5.61 11.31 -14.78
CA ARG B 32 4.28 11.39 -14.16
C ARG B 32 3.84 9.97 -13.95
N GLY B 33 4.54 9.28 -13.06
CA GLY B 33 4.42 7.84 -12.91
C GLY B 33 5.43 7.39 -11.87
N GLY B 34 4.99 6.44 -11.03
CA GLY B 34 5.67 6.14 -9.77
C GLY B 34 5.20 7.12 -8.71
N LYS B 35 3.88 7.35 -8.69
CA LYS B 35 3.28 8.51 -8.00
C LYS B 35 4.08 9.79 -8.27
N GLY B 36 4.52 9.95 -9.52
CA GLY B 36 5.34 11.11 -9.90
C GLY B 36 6.79 11.09 -9.44
N LYS B 37 7.31 9.93 -9.06
CA LYS B 37 8.64 9.91 -8.45
C LYS B 37 9.67 9.14 -9.28
N ALA B 38 9.31 8.77 -10.52
CA ALA B 38 10.19 7.92 -11.29
C ALA B 38 11.56 8.56 -11.54
N LEU B 39 11.58 9.83 -11.93
CA LEU B 39 12.86 10.48 -12.20
C LEU B 39 13.76 10.58 -10.97
N GLN B 40 13.16 10.89 -9.84
CA GLN B 40 13.88 10.99 -8.58
C GLN B 40 14.47 9.62 -8.21
N LEU B 41 13.69 8.56 -8.37
CA LEU B 41 14.09 7.22 -8.05
C LEU B 41 15.21 6.80 -9.00
N PHE B 42 15.12 7.20 -10.25
CA PHE B 42 16.20 6.89 -11.18
C PHE B 42 17.51 7.48 -10.66
N ARG B 43 17.48 8.76 -10.29
CA ARG B 43 18.70 9.47 -9.83
C ARG B 43 19.25 8.85 -8.55
N SER B 44 18.36 8.47 -7.64
CA SER B 44 18.83 7.97 -6.32
C SER B 44 19.20 6.49 -6.25
N HIS B 45 18.45 5.66 -6.97
CA HIS B 45 18.57 4.23 -6.87
C HIS B 45 19.14 3.54 -8.09
N VAL B 46 19.03 4.14 -9.27
CA VAL B 46 19.47 3.48 -10.48
C VAL B 46 20.84 4.01 -10.94
N GLN B 47 20.92 5.31 -11.13
CA GLN B 47 22.13 5.96 -11.62
C GLN B 47 23.44 5.61 -10.97
N PRO B 48 23.52 5.62 -9.62
CA PRO B 48 24.78 5.24 -8.99
C PRO B 48 25.23 3.82 -9.32
N LEU B 49 24.29 2.90 -9.44
CA LEU B 49 24.64 1.51 -9.81
C LEU B 49 25.09 1.42 -11.28
N LEU B 50 24.42 2.15 -12.16
CA LEU B 50 24.86 2.17 -13.57
C LEU B 50 26.28 2.74 -13.75
N ALA B 51 26.61 3.78 -12.99
CA ALA B 51 27.93 4.40 -13.07
C ALA B 51 29.01 3.43 -12.64
N GLU B 52 28.77 2.73 -11.55
CA GLU B 52 29.67 1.71 -11.09
C GLU B 52 29.82 0.49 -12.04
N ALA B 53 28.74 0.09 -12.72
CA ALA B 53 28.77 -0.98 -13.70
C ALA B 53 29.22 -0.55 -15.14
N GLU B 54 29.61 0.71 -15.30
CA GLU B 54 30.00 1.25 -16.61
C GLU B 54 28.89 1.14 -17.64
N ILE B 55 27.70 1.54 -17.22
CA ILE B 55 26.56 1.63 -18.11
C ILE B 55 26.28 3.11 -18.32
N SER B 56 26.60 3.63 -19.51
N SER B 56 26.61 3.62 -19.52
CA SER B 56 26.24 5.01 -19.82
CA SER B 56 26.27 4.97 -19.92
C SER B 56 24.82 4.99 -20.38
C SER B 56 24.83 4.98 -20.38
N PHE B 57 24.13 6.09 -20.21
CA PHE B 57 22.72 6.13 -20.57
C PHE B 57 22.33 7.49 -21.10
N THR B 58 21.21 7.49 -21.82
CA THR B 58 20.53 8.72 -22.13
C THR B 58 19.10 8.57 -21.67
N LEU B 59 18.61 9.57 -20.94
CA LEU B 59 17.19 9.62 -20.54
C LEU B 59 16.32 10.32 -21.57
N MET B 60 15.24 9.63 -21.98
CA MET B 60 14.20 10.18 -22.81
C MET B 60 12.85 10.11 -22.08
N LEU B 61 12.19 11.24 -21.92
CA LEU B 61 11.01 11.29 -21.09
C LEU B 61 9.71 11.12 -21.89
N THR B 62 8.83 10.22 -21.46
CA THR B 62 7.52 10.02 -22.11
C THR B 62 6.44 10.89 -21.47
N GLU B 63 5.54 11.41 -22.29
CA GLU B 63 4.64 12.50 -21.93
C GLU B 63 3.16 12.05 -21.93
N ARG B 64 2.87 10.92 -22.57
CA ARG B 64 1.51 10.49 -22.81
C ARG B 64 1.47 9.08 -23.41
N ARG B 65 0.25 8.56 -23.54
CA ARG B 65 0.02 7.24 -24.07
C ARG B 65 0.54 7.14 -25.53
N ASN B 66 1.21 6.03 -25.82
CA ASN B 66 1.79 5.69 -27.15
CA ASN B 66 1.70 5.79 -27.19
C ASN B 66 2.98 6.55 -27.53
N HIS B 67 3.39 7.48 -26.68
CA HIS B 67 4.55 8.28 -26.98
C HIS B 67 5.75 7.35 -27.15
N ALA B 68 5.98 6.47 -26.18
CA ALA B 68 7.04 5.49 -26.31
C ALA B 68 6.92 4.63 -27.57
N ARG B 69 5.70 4.23 -27.92
CA ARG B 69 5.48 3.34 -29.07
C ARG B 69 6.00 4.02 -30.33
N GLU B 70 5.60 5.28 -30.50
CA GLU B 70 6.01 6.02 -31.70
C GLU B 70 7.52 6.40 -31.68
N LEU B 71 8.07 6.70 -30.53
CA LEU B 71 9.55 6.91 -30.38
C LEU B 71 10.38 5.70 -30.77
N VAL B 72 9.99 4.53 -30.27
CA VAL B 72 10.73 3.31 -30.57
C VAL B 72 10.55 2.88 -32.01
N ARG B 73 9.36 3.07 -32.56
CA ARG B 73 9.12 2.77 -33.95
C ARG B 73 10.09 3.51 -34.89
N SER B 74 10.44 4.74 -34.54
CA SER B 74 11.22 5.60 -35.39
C SER B 74 12.67 5.76 -34.91
N GLU B 75 13.07 5.00 -33.91
CA GLU B 75 14.36 5.18 -33.25
C GLU B 75 15.50 4.60 -34.07
N GLU B 76 16.68 5.26 -34.02
CA GLU B 76 17.91 4.62 -34.53
C GLU B 76 18.37 3.65 -33.49
N LEU B 77 18.19 2.36 -33.71
CA LEU B 77 18.42 1.35 -32.65
C LEU B 77 19.87 0.96 -32.60
N GLY B 78 20.57 1.21 -33.69
CA GLY B 78 21.97 0.78 -33.87
C GLY B 78 22.92 1.31 -32.81
N ARG B 79 22.63 2.49 -32.31
CA ARG B 79 23.47 3.17 -31.32
C ARG B 79 23.29 2.68 -29.87
N TRP B 80 22.27 1.87 -29.59
CA TRP B 80 22.03 1.36 -28.24
C TRP B 80 22.34 -0.12 -28.08
N ASP B 81 22.95 -0.50 -26.95
CA ASP B 81 23.14 -1.88 -26.61
C ASP B 81 21.86 -2.50 -25.98
N ALA B 82 21.04 -1.66 -25.39
CA ALA B 82 19.74 -2.05 -24.86
C ALA B 82 18.80 -0.88 -24.70
N LEU B 83 17.51 -1.19 -24.62
CA LEU B 83 16.48 -0.25 -24.24
C LEU B 83 15.96 -0.58 -22.84
N VAL B 84 16.09 0.38 -21.94
CA VAL B 84 15.68 0.27 -20.54
C VAL B 84 14.38 1.07 -20.36
N VAL B 85 13.34 0.41 -19.86
CA VAL B 85 12.06 1.03 -19.71
C VAL B 85 11.79 1.16 -18.20
N MET B 86 11.69 2.40 -17.69
CA MET B 86 11.46 2.58 -16.24
C MET B 86 10.07 3.13 -16.03
N SER B 87 9.17 2.25 -15.63
CA SER B 87 7.74 2.59 -15.58
CA SER B 87 7.75 2.51 -15.73
C SER B 87 6.98 1.36 -15.09
N GLY B 88 5.68 1.32 -15.40
CA GLY B 88 4.85 0.13 -15.16
C GLY B 88 4.93 -0.81 -16.36
N ASP B 89 4.06 -1.83 -16.35
CA ASP B 89 4.00 -2.79 -17.47
C ASP B 89 3.59 -2.18 -18.81
N GLY B 90 2.85 -1.07 -18.77
CA GLY B 90 2.27 -0.47 -19.99
C GLY B 90 3.35 0.09 -20.92
N LEU B 91 4.41 0.62 -20.35
CA LEU B 91 5.46 1.19 -21.18
C LEU B 91 6.19 0.12 -21.96
N MET B 92 6.43 -1.04 -21.37
CA MET B 92 7.08 -2.10 -22.07
C MET B 92 6.19 -2.61 -23.22
N HIS B 93 4.90 -2.71 -22.95
CA HIS B 93 3.94 -3.04 -24.01
C HIS B 93 4.09 -2.12 -25.23
N GLU B 94 4.17 -0.82 -24.98
CA GLU B 94 4.33 0.15 -26.06
C GLU B 94 5.61 -0.02 -26.84
N VAL B 95 6.71 -0.25 -26.12
CA VAL B 95 7.99 -0.43 -26.73
C VAL B 95 7.98 -1.61 -27.69
N VAL B 96 7.47 -2.75 -27.22
CA VAL B 96 7.57 -3.95 -28.01
C VAL B 96 6.65 -3.78 -29.24
N ASN B 97 5.48 -3.20 -29.03
CA ASN B 97 4.62 -2.94 -30.14
C ASN B 97 5.24 -1.95 -31.14
N GLY B 98 6.01 -0.98 -30.66
CA GLY B 98 6.73 -0.09 -31.58
C GLY B 98 7.77 -0.84 -32.42
N LEU B 99 8.53 -1.74 -31.80
CA LEU B 99 9.54 -2.52 -32.50
C LEU B 99 8.90 -3.41 -33.58
N MET B 100 7.77 -4.04 -33.23
CA MET B 100 7.15 -5.03 -34.06
C MET B 100 6.45 -4.40 -35.28
N GLU B 101 6.16 -3.09 -35.24
CA GLU B 101 5.49 -2.50 -36.39
C GLU B 101 6.47 -1.87 -37.37
N ARG B 102 7.78 -1.98 -37.11
CA ARG B 102 8.78 -1.47 -38.03
C ARG B 102 8.98 -2.38 -39.25
N PRO B 103 9.44 -1.81 -40.38
CA PRO B 103 9.85 -2.63 -41.55
C PRO B 103 10.96 -3.61 -41.22
N ASP B 104 11.90 -3.18 -40.37
CA ASP B 104 13.01 -4.04 -39.92
C ASP B 104 12.69 -4.79 -38.60
N TRP B 105 11.39 -5.07 -38.37
CA TRP B 105 10.94 -5.74 -37.14
C TRP B 105 11.73 -7.00 -36.79
N GLU B 106 12.12 -7.76 -37.81
CA GLU B 106 12.83 -9.00 -37.54
C GLU B 106 14.14 -8.79 -36.81
N THR B 107 14.81 -7.69 -37.07
CA THR B 107 16.06 -7.40 -36.37
C THR B 107 15.78 -6.46 -35.20
N ALA B 108 14.76 -5.62 -35.30
CA ALA B 108 14.49 -4.66 -34.21
C ALA B 108 14.05 -5.37 -32.94
N ILE B 109 13.28 -6.44 -33.08
CA ILE B 109 12.82 -7.21 -31.93
C ILE B 109 13.94 -7.94 -31.16
N GLN B 110 15.13 -8.01 -31.74
CA GLN B 110 16.28 -8.61 -31.11
C GLN B 110 17.11 -7.60 -30.27
N LYS B 111 16.67 -6.37 -30.19
CA LYS B 111 17.36 -5.39 -29.32
C LYS B 111 17.06 -5.73 -27.87
N PRO B 112 18.09 -5.94 -27.04
CA PRO B 112 17.79 -6.30 -25.64
C PRO B 112 16.97 -5.21 -24.91
N LEU B 113 16.02 -5.68 -24.09
CA LEU B 113 15.11 -4.85 -23.32
C LEU B 113 15.31 -5.13 -21.84
N CYS B 114 15.00 -4.15 -21.03
CA CYS B 114 15.13 -4.24 -19.56
C CYS B 114 13.99 -3.45 -18.96
N SER B 115 13.36 -4.07 -17.96
CA SER B 115 12.24 -3.48 -17.25
C SER B 115 12.66 -3.07 -15.84
N LEU B 116 12.59 -1.77 -15.53
CA LEU B 116 12.83 -1.28 -14.18
C LEU B 116 11.54 -0.76 -13.63
N PRO B 117 11.17 -1.23 -12.44
CA PRO B 117 9.87 -0.82 -11.96
C PRO B 117 9.92 0.62 -11.41
N ALA B 118 8.90 1.40 -11.69
CA ALA B 118 8.67 2.70 -11.11
C ALA B 118 7.16 2.90 -11.19
N GLY B 119 6.39 1.82 -11.44
CA GLY B 119 4.97 1.90 -11.71
C GLY B 119 4.10 1.41 -10.56
N ASN B 122 4.78 -3.34 -11.39
CA ASN B 122 5.41 -3.89 -12.52
C ASN B 122 5.46 -5.42 -12.39
N ALA B 123 4.46 -6.07 -12.96
CA ALA B 123 4.39 -7.50 -13.02
C ALA B 123 5.53 -8.17 -13.73
N LEU B 124 5.99 -7.58 -14.82
CA LEU B 124 7.06 -8.21 -15.57
C LEU B 124 8.37 -8.15 -14.76
N ALA B 125 8.67 -7.00 -14.16
CA ALA B 125 9.84 -6.85 -13.29
C ALA B 125 9.80 -7.81 -12.07
N ALA B 126 8.64 -7.91 -11.44
CA ALA B 126 8.43 -8.91 -10.35
C ALA B 126 8.72 -10.35 -10.77
N SER B 127 8.24 -10.72 -11.96
CA SER B 127 8.51 -12.03 -12.51
C SER B 127 9.99 -12.26 -12.74
N LEU B 128 10.67 -11.30 -13.40
CA LEU B 128 12.09 -11.40 -13.64
C LEU B 128 12.94 -11.50 -12.32
N ASN B 129 12.55 -10.74 -11.33
CA ASN B 129 13.14 -10.80 -9.96
C ASN B 129 12.99 -12.20 -9.37
N HIS B 130 11.78 -12.75 -9.51
CA HIS B 130 11.50 -14.14 -9.13
C HIS B 130 12.35 -15.19 -9.86
N TYR B 131 12.44 -15.12 -11.19
CA TYR B 131 13.24 -16.07 -11.93
C TYR B 131 14.74 -16.05 -11.55
N ALA B 132 15.21 -14.87 -11.12
CA ALA B 132 16.62 -14.66 -10.80
C ALA B 132 16.92 -15.24 -9.42
N GLY B 133 15.90 -15.61 -8.66
CA GLY B 133 16.05 -16.29 -7.37
C GLY B 133 15.89 -15.38 -6.17
N TYR B 134 15.51 -14.13 -6.41
CA TYR B 134 15.30 -13.20 -5.31
C TYR B 134 13.98 -13.43 -4.61
N GLU B 135 13.92 -12.98 -3.37
CA GLU B 135 12.70 -12.96 -2.60
C GLU B 135 11.70 -11.95 -3.16
N GLN B 136 10.43 -12.18 -2.84
CA GLN B 136 9.33 -11.42 -3.39
C GLN B 136 9.19 -10.00 -2.78
N VAL B 137 10.04 -9.09 -3.24
CA VAL B 137 10.15 -7.75 -2.72
C VAL B 137 9.36 -6.75 -3.56
N THR B 138 9.18 -5.55 -3.00
CA THR B 138 8.35 -4.50 -3.56
CA THR B 138 8.43 -4.53 -3.73
C THR B 138 9.10 -3.17 -3.58
N ASN B 139 8.52 -2.19 -4.27
CA ASN B 139 8.97 -0.80 -4.25
C ASN B 139 10.47 -0.64 -4.54
N GLU B 140 11.19 0.08 -3.69
CA GLU B 140 12.60 0.37 -3.93
C GLU B 140 13.48 -0.86 -3.89
N ASP B 141 13.15 -1.85 -3.06
CA ASP B 141 13.93 -3.08 -3.04
C ASP B 141 13.82 -3.81 -4.40
N LEU B 142 12.64 -3.78 -4.99
CA LEU B 142 12.44 -4.43 -6.30
C LEU B 142 13.22 -3.66 -7.33
N LEU B 143 13.17 -2.34 -7.25
CA LEU B 143 13.96 -1.49 -8.17
C LEU B 143 15.44 -1.80 -8.11
N THR B 144 15.97 -1.90 -6.88
CA THR B 144 17.35 -2.22 -6.69
C THR B 144 17.72 -3.55 -7.33
N ASN B 145 16.97 -4.60 -7.04
CA ASN B 145 17.26 -5.91 -7.59
C ASN B 145 17.23 -5.95 -9.13
N CYS B 146 16.21 -5.32 -9.72
CA CYS B 146 16.08 -5.29 -11.18
C CYS B 146 17.24 -4.47 -11.76
N THR B 147 17.69 -3.42 -11.06
CA THR B 147 18.87 -2.64 -11.53
C THR B 147 20.16 -3.46 -11.46
N LEU B 148 20.34 -4.22 -10.38
CA LEU B 148 21.46 -5.15 -10.26
C LEU B 148 21.45 -6.22 -11.39
N LEU B 149 20.28 -6.66 -11.81
CA LEU B 149 20.20 -7.59 -12.95
C LEU B 149 20.68 -6.91 -14.23
N LEU B 150 20.31 -5.65 -14.43
CA LEU B 150 20.85 -4.90 -15.56
C LEU B 150 22.39 -4.80 -15.53
N CYS B 151 22.91 -4.44 -14.35
CA CYS B 151 24.35 -4.33 -14.10
C CYS B 151 25.07 -5.65 -14.33
N ARG B 152 24.42 -6.78 -14.04
CA ARG B 152 25.02 -8.09 -14.31
C ARG B 152 25.08 -8.44 -15.80
N ARG B 153 24.20 -7.84 -16.60
CA ARG B 153 24.30 -7.92 -18.08
C ARG B 153 23.87 -9.19 -18.78
N LEU B 154 23.36 -10.17 -18.03
CA LEU B 154 22.94 -11.41 -18.66
C LEU B 154 21.56 -11.28 -19.27
N LEU B 155 21.39 -11.93 -20.41
CA LEU B 155 20.14 -11.88 -21.19
C LEU B 155 19.48 -13.25 -21.27
N SER B 156 18.16 -13.26 -21.26
CA SER B 156 17.39 -14.47 -21.39
C SER B 156 16.29 -14.25 -22.41
N PRO B 157 15.99 -15.25 -23.20
CA PRO B 157 14.94 -15.05 -24.18
C PRO B 157 13.54 -15.09 -23.57
N MET B 158 12.60 -14.32 -24.13
CA MET B 158 11.24 -14.29 -23.63
C MET B 158 10.27 -14.65 -24.75
N ASN B 159 9.15 -15.25 -24.35
CA ASN B 159 8.05 -15.47 -25.27
C ASN B 159 7.28 -14.18 -25.65
N LEU B 160 6.65 -14.19 -26.82
CA LEU B 160 5.83 -13.06 -27.23
C LEU B 160 4.51 -13.59 -27.77
N LEU B 161 3.42 -13.00 -27.33
CA LEU B 161 2.08 -13.40 -27.79
C LEU B 161 1.62 -12.45 -28.92
N SER B 162 1.31 -13.02 -30.08
CA SER B 162 0.89 -12.28 -31.26
C SER B 162 -0.65 -12.36 -31.29
N LEU B 163 -1.32 -11.20 -31.35
CA LEU B 163 -2.78 -11.11 -31.19
C LEU B 163 -3.39 -10.51 -32.48
N HIS B 164 -4.57 -11.03 -32.81
CA HIS B 164 -5.41 -10.58 -33.98
C HIS B 164 -6.84 -10.43 -33.49
N THR B 165 -7.49 -9.32 -33.82
CA THR B 165 -8.89 -9.12 -33.45
C THR B 165 -9.82 -9.16 -34.67
N ALA B 166 -11.11 -9.30 -34.42
CA ALA B 166 -12.11 -9.35 -35.48
C ALA B 166 -12.09 -8.10 -36.36
N SER B 167 -11.76 -6.97 -35.75
CA SER B 167 -11.66 -5.69 -36.50
C SER B 167 -10.36 -5.52 -37.27
N GLY B 168 -9.45 -6.49 -37.17
CA GLY B 168 -8.18 -6.45 -37.89
C GLY B 168 -7.03 -5.84 -37.17
N LEU B 169 -7.24 -5.41 -35.93
CA LEU B 169 -6.16 -4.99 -35.08
C LEU B 169 -5.11 -6.11 -34.92
N ARG B 170 -3.84 -5.72 -35.05
CA ARG B 170 -2.69 -6.57 -34.85
C ARG B 170 -1.90 -5.96 -33.68
N LEU B 171 -1.67 -6.77 -32.64
CA LEU B 171 -1.09 -6.31 -31.43
C LEU B 171 -0.22 -7.42 -30.81
N PHE B 172 0.76 -7.05 -30.00
CA PHE B 172 1.64 -8.00 -29.30
C PHE B 172 1.59 -7.81 -27.80
N SER B 173 1.67 -8.91 -27.07
CA SER B 173 1.54 -8.90 -25.62
C SER B 173 2.80 -9.56 -25.03
N VAL B 174 3.43 -8.90 -24.08
CA VAL B 174 4.60 -9.44 -23.38
C VAL B 174 4.24 -10.12 -22.06
N LEU B 175 3.03 -9.87 -21.56
CA LEU B 175 2.69 -10.27 -20.22
C LEU B 175 1.35 -10.98 -20.13
N SER B 176 0.26 -10.35 -20.60
CA SER B 176 -1.05 -10.88 -20.36
C SER B 176 -2.13 -10.38 -21.27
N LEU B 177 -3.18 -11.17 -21.43
CA LEU B 177 -4.43 -10.67 -21.95
C LEU B 177 -5.53 -11.13 -20.99
N ALA B 178 -6.32 -10.18 -20.51
CA ALA B 178 -7.35 -10.45 -19.51
C ALA B 178 -8.70 -10.00 -20.04
N TRP B 179 -9.70 -10.78 -19.64
CA TRP B 179 -11.08 -10.49 -19.96
C TRP B 179 -11.95 -10.85 -18.76
N GLY B 180 -13.04 -10.12 -18.54
CA GLY B 180 -13.92 -10.40 -17.43
C GLY B 180 -13.42 -9.67 -16.21
N PHE B 181 -13.51 -10.36 -15.06
CA PHE B 181 -13.25 -9.76 -13.74
C PHE B 181 -11.92 -9.00 -13.72
N ILE B 182 -10.84 -9.65 -14.18
CA ILE B 182 -9.52 -9.00 -14.13
C ILE B 182 -9.43 -7.73 -14.96
N ALA B 183 -9.95 -7.74 -16.18
CA ALA B 183 -9.95 -6.55 -16.99
C ALA B 183 -10.78 -5.42 -16.37
N ASP B 184 -11.89 -5.79 -15.74
CA ASP B 184 -12.77 -4.81 -15.10
C ASP B 184 -12.06 -4.15 -13.93
N VAL B 185 -11.24 -4.92 -13.24
CA VAL B 185 -10.42 -4.40 -12.17
C VAL B 185 -9.36 -3.45 -12.70
N ASP B 186 -8.72 -3.84 -13.82
CA ASP B 186 -7.72 -2.96 -14.43
C ASP B 186 -8.38 -1.61 -14.74
N LEU B 187 -9.60 -1.63 -15.29
CA LEU B 187 -10.33 -0.41 -15.67
C LEU B 187 -10.64 0.45 -14.44
N GLU B 188 -11.30 -0.15 -13.47
CA GLU B 188 -11.69 0.53 -12.23
C GLU B 188 -10.47 1.13 -11.49
N SER B 189 -9.35 0.41 -11.51
CA SER B 189 -8.18 0.78 -10.74
C SER B 189 -7.43 2.00 -11.28
N GLU B 190 -7.74 2.41 -12.51
CA GLU B 190 -7.18 3.66 -13.03
C GLU B 190 -7.59 4.89 -12.21
N LYS B 191 -8.74 4.84 -11.57
CA LYS B 191 -9.24 5.95 -10.75
C LYS B 191 -8.53 6.08 -9.41
N TYR B 192 -7.65 5.13 -9.06
CA TYR B 192 -7.03 5.09 -7.73
C TYR B 192 -5.53 5.00 -7.75
N ARG B 193 -4.89 5.62 -8.74
CA ARG B 193 -3.42 5.58 -8.85
C ARG B 193 -2.64 6.06 -7.62
N ARG B 194 -3.23 6.96 -6.85
CA ARG B 194 -2.60 7.41 -5.60
C ARG B 194 -2.39 6.26 -4.59
N LEU B 195 -3.13 5.16 -4.73
CA LEU B 195 -2.96 4.02 -3.81
C LEU B 195 -1.76 3.14 -4.17
N GLY B 196 -1.11 3.39 -5.31
CA GLY B 196 -0.01 2.55 -5.76
C GLY B 196 -0.56 1.20 -6.21
N GLU B 197 0.15 0.14 -5.91
CA GLU B 197 -0.24 -1.20 -6.37
C GLU B 197 -1.51 -1.74 -5.64
N MET B 198 -1.79 -1.18 -4.46
CA MET B 198 -3.03 -1.45 -3.74
C MET B 198 -4.29 -1.01 -4.51
N ARG B 199 -4.13 -0.15 -5.50
CA ARG B 199 -5.25 0.16 -6.39
C ARG B 199 -5.91 -1.10 -6.98
N PHE B 200 -5.16 -2.17 -7.18
CA PHE B 200 -5.72 -3.39 -7.77
C PHE B 200 -6.47 -4.21 -6.72
N THR B 201 -6.08 -4.07 -5.48
CA THR B 201 -6.82 -4.69 -4.41
C THR B 201 -8.17 -4.02 -4.17
N LEU B 202 -8.18 -2.70 -4.18
CA LEU B 202 -9.42 -1.98 -4.03
C LEU B 202 -10.32 -2.27 -5.20
N GLY B 203 -9.77 -2.25 -6.41
CA GLY B 203 -10.58 -2.66 -7.55
C GLY B 203 -11.15 -4.06 -7.46
N THR B 204 -10.38 -5.00 -6.93
CA THR B 204 -10.84 -6.33 -6.72
C THR B 204 -12.00 -6.41 -5.73
N PHE B 205 -11.92 -5.70 -4.61
CA PHE B 205 -13.08 -5.65 -3.70
C PHE B 205 -14.30 -5.06 -4.35
N LEU B 206 -14.13 -4.01 -5.11
CA LEU B 206 -15.25 -3.37 -5.73
C LEU B 206 -15.93 -4.26 -6.74
N ARG B 207 -15.13 -4.94 -7.54
CA ARG B 207 -15.70 -5.86 -8.51
C ARG B 207 -16.28 -7.07 -7.84
N LEU B 208 -15.65 -7.53 -6.76
CA LEU B 208 -16.17 -8.67 -6.02
C LEU B 208 -17.52 -8.36 -5.40
N ALA B 209 -17.65 -7.17 -4.81
CA ALA B 209 -18.93 -6.69 -4.30
C ALA B 209 -20.02 -6.71 -5.37
N ALA B 210 -19.67 -6.44 -6.64
CA ALA B 210 -20.61 -6.48 -7.73
C ALA B 210 -20.38 -7.67 -8.68
N LEU B 211 -20.05 -8.83 -8.15
CA LEU B 211 -19.63 -9.95 -8.98
C LEU B 211 -20.64 -10.26 -10.08
N ARG B 212 -20.13 -10.42 -11.30
CA ARG B 212 -20.95 -10.78 -12.45
C ARG B 212 -20.20 -11.79 -13.30
N THR B 213 -20.91 -12.46 -14.19
CA THR B 213 -20.30 -13.30 -15.18
C THR B 213 -20.39 -12.64 -16.53
N TYR B 214 -19.64 -13.20 -17.47
CA TYR B 214 -19.50 -12.63 -18.80
C TYR B 214 -19.71 -13.75 -19.79
N ARG B 215 -20.58 -13.53 -20.76
CA ARG B 215 -20.96 -14.54 -21.75
C ARG B 215 -19.89 -14.54 -22.83
N GLY B 216 -19.42 -15.72 -23.19
CA GLY B 216 -18.48 -15.82 -24.31
C GLY B 216 -17.99 -17.20 -24.55
N ARG B 217 -17.21 -17.38 -25.61
CA ARG B 217 -16.72 -18.72 -25.97
C ARG B 217 -15.20 -18.73 -26.03
N LEU B 218 -14.62 -19.71 -25.38
CA LEU B 218 -13.17 -19.90 -25.34
C LEU B 218 -12.73 -21.22 -25.97
N ALA B 219 -11.65 -21.17 -26.76
CA ALA B 219 -11.08 -22.38 -27.36
C ALA B 219 -9.56 -22.21 -27.30
N TYR B 220 -8.81 -23.31 -27.27
CA TYR B 220 -7.39 -23.22 -27.09
C TYR B 220 -6.70 -24.45 -27.65
N LEU B 221 -5.42 -24.30 -27.94
CA LEU B 221 -4.60 -25.40 -28.50
C LEU B 221 -3.58 -25.73 -27.42
N PRO B 222 -3.81 -26.82 -26.65
CA PRO B 222 -2.87 -27.15 -25.58
C PRO B 222 -1.50 -27.58 -26.13
N VAL B 223 -0.46 -27.29 -25.37
CA VAL B 223 0.91 -27.61 -25.82
C VAL B 223 1.07 -29.12 -26.12
N GLY B 224 0.36 -29.95 -25.37
CA GLY B 224 0.43 -31.39 -25.55
C GLY B 224 0.04 -31.86 -26.95
N ARG B 225 -0.85 -31.09 -27.62
CA ARG B 225 -1.37 -31.57 -28.92
C ARG B 225 -0.38 -31.48 -30.06
N VAL B 226 0.38 -30.38 -30.11
CA VAL B 226 1.25 -30.07 -31.21
C VAL B 226 2.68 -29.78 -30.80
N GLY B 227 2.92 -29.51 -29.52
CA GLY B 227 4.21 -29.03 -29.13
C GLY B 227 4.42 -27.55 -29.45
N SER B 228 5.53 -27.02 -29.02
CA SER B 228 5.79 -25.57 -29.09
C SER B 228 6.62 -25.11 -30.29
N LYS B 229 7.03 -26.01 -31.17
CA LYS B 229 7.84 -25.62 -32.31
C LYS B 229 6.98 -24.73 -33.23
N THR B 230 7.57 -23.68 -33.79
CA THR B 230 6.83 -22.82 -34.71
C THR B 230 6.51 -23.61 -35.98
N PRO B 231 5.21 -23.68 -36.37
CA PRO B 231 4.94 -24.38 -37.63
C PRO B 231 5.25 -23.50 -38.85
N ALA B 232 5.78 -24.10 -39.92
CA ALA B 232 5.88 -23.43 -41.22
C ALA B 232 4.50 -23.11 -41.79
N SER B 233 4.35 -21.95 -42.45
CA SER B 233 3.08 -21.55 -43.05
C SER B 233 2.79 -22.32 -44.35
N GLY B 240 5.40 -10.90 -41.48
CA GLY B 240 5.14 -11.73 -40.30
C GLY B 240 4.97 -10.90 -39.08
N PRO B 241 5.04 -11.55 -37.91
CA PRO B 241 5.30 -12.98 -37.82
C PRO B 241 4.10 -13.77 -38.33
N VAL B 242 4.37 -14.95 -38.85
CA VAL B 242 3.36 -15.87 -39.31
C VAL B 242 2.83 -16.61 -38.07
N ASP B 243 1.51 -16.60 -37.94
CA ASP B 243 0.78 -17.33 -36.87
C ASP B 243 0.05 -18.55 -37.50
N ALA B 244 0.83 -19.58 -37.83
CA ALA B 244 0.32 -20.71 -38.60
C ALA B 244 -0.62 -21.65 -37.84
N HIS B 245 -0.77 -21.52 -36.52
CA HIS B 245 -1.77 -22.27 -35.80
C HIS B 245 -3.15 -21.62 -35.95
N LEU B 246 -3.20 -20.34 -36.39
CA LEU B 246 -4.45 -19.62 -36.41
C LEU B 246 -5.13 -19.79 -37.76
N VAL B 247 -6.45 -19.89 -37.72
CA VAL B 247 -7.29 -19.69 -38.91
C VAL B 247 -8.11 -18.41 -38.72
N PRO B 248 -8.61 -17.84 -39.82
CA PRO B 248 -9.34 -16.57 -39.65
C PRO B 248 -10.51 -16.63 -38.67
N LEU B 249 -10.74 -15.53 -37.95
CA LEU B 249 -11.77 -15.44 -36.94
C LEU B 249 -13.17 -15.70 -37.45
N GLU B 250 -13.40 -15.41 -38.73
CA GLU B 250 -14.67 -15.79 -39.35
C GLU B 250 -14.85 -17.29 -39.66
N GLU B 251 -13.81 -18.11 -39.49
CA GLU B 251 -13.90 -19.56 -39.64
C GLU B 251 -13.92 -20.25 -38.26
N PRO B 252 -14.58 -21.43 -38.16
CA PRO B 252 -14.53 -22.19 -36.90
C PRO B 252 -13.08 -22.53 -36.51
N VAL B 253 -12.80 -22.62 -35.20
CA VAL B 253 -11.46 -23.09 -34.82
C VAL B 253 -11.18 -24.51 -35.33
N PRO B 254 -9.90 -24.80 -35.54
CA PRO B 254 -9.57 -26.14 -36.09
C PRO B 254 -10.04 -27.29 -35.21
N SER B 255 -10.35 -28.44 -35.83
CA SER B 255 -10.91 -29.62 -35.13
C SER B 255 -10.02 -30.19 -34.02
N HIS B 256 -8.73 -29.98 -34.12
CA HIS B 256 -7.78 -30.48 -33.10
C HIS B 256 -7.61 -29.58 -31.90
N TRP B 257 -8.25 -28.40 -31.89
CA TRP B 257 -8.22 -27.54 -30.70
C TRP B 257 -9.21 -28.09 -29.66
N THR B 258 -9.14 -27.53 -28.48
CA THR B 258 -10.09 -27.84 -27.44
C THR B 258 -11.08 -26.69 -27.37
N VAL B 259 -12.38 -26.97 -27.45
CA VAL B 259 -13.38 -25.90 -27.22
C VAL B 259 -13.95 -26.07 -25.82
N VAL B 260 -13.89 -25.01 -25.01
CA VAL B 260 -14.44 -25.09 -23.65
C VAL B 260 -15.99 -25.06 -23.72
N PRO B 261 -16.68 -25.97 -22.99
CA PRO B 261 -18.15 -25.98 -23.18
C PRO B 261 -18.90 -24.83 -22.51
N ASP B 262 -18.35 -24.29 -21.42
CA ASP B 262 -18.99 -23.17 -20.71
C ASP B 262 -19.31 -22.01 -21.63
N GLU B 263 -20.47 -21.41 -21.43
CA GLU B 263 -20.85 -20.23 -22.17
C GLU B 263 -20.69 -18.95 -21.33
N ASP B 264 -20.36 -19.07 -20.04
CA ASP B 264 -20.21 -17.93 -19.13
CA ASP B 264 -20.06 -17.88 -19.28
C ASP B 264 -18.97 -18.07 -18.24
N PHE B 265 -18.24 -16.98 -18.04
CA PHE B 265 -16.99 -17.01 -17.26
C PHE B 265 -17.00 -15.89 -16.25
N VAL B 266 -16.28 -16.07 -15.15
CA VAL B 266 -15.98 -14.97 -14.27
C VAL B 266 -14.79 -14.21 -14.85
N LEU B 267 -13.81 -14.97 -15.36
CA LEU B 267 -12.63 -14.37 -15.97
C LEU B 267 -11.95 -15.35 -16.92
N VAL B 268 -11.20 -14.77 -17.85
CA VAL B 268 -10.25 -15.51 -18.63
C VAL B 268 -8.93 -14.71 -18.68
N LEU B 269 -7.82 -15.42 -18.50
CA LEU B 269 -6.49 -14.80 -18.43
C LEU B 269 -5.41 -15.60 -19.14
N ALA B 270 -4.85 -15.02 -20.21
CA ALA B 270 -3.66 -15.55 -20.80
C ALA B 270 -2.50 -14.84 -20.13
N LEU B 271 -1.56 -15.61 -19.60
CA LEU B 271 -0.43 -15.06 -18.84
C LEU B 271 0.91 -15.73 -19.25
N LEU B 272 1.91 -14.90 -19.59
CA LEU B 272 3.20 -15.33 -20.07
C LEU B 272 4.23 -15.47 -18.97
N HIS B 273 3.88 -14.98 -17.77
CA HIS B 273 4.87 -14.89 -16.68
C HIS B 273 4.30 -15.35 -15.35
N SER B 274 5.13 -15.36 -14.31
CA SER B 274 4.74 -15.93 -13.03
C SER B 274 3.88 -14.97 -12.19
N HIS B 275 4.06 -13.67 -12.38
CA HIS B 275 3.43 -12.69 -11.53
C HIS B 275 2.50 -11.71 -12.23
N LEU B 276 1.44 -11.34 -11.52
CA LEU B 276 0.48 -10.32 -11.94
C LEU B 276 0.76 -8.94 -11.29
N GLY B 277 1.68 -8.93 -10.33
CA GLY B 277 2.06 -7.75 -9.58
C GLY B 277 3.18 -8.16 -8.65
N SER B 278 3.84 -7.20 -8.04
CA SER B 278 4.96 -7.54 -7.20
C SER B 278 4.59 -8.45 -6.01
N GLU B 279 3.35 -8.40 -5.53
CA GLU B 279 2.90 -9.34 -4.48
C GLU B 279 1.75 -10.25 -4.94
N MET B 280 1.75 -10.62 -6.22
CA MET B 280 0.73 -11.50 -6.77
C MET B 280 1.38 -12.60 -7.62
N PHE B 281 1.68 -13.73 -6.98
CA PHE B 281 2.39 -14.84 -7.60
C PHE B 281 1.34 -15.76 -8.23
N ALA B 282 0.92 -15.40 -9.45
CA ALA B 282 -0.27 -15.98 -10.04
C ALA B 282 -0.04 -17.37 -10.61
N ALA B 283 1.16 -17.66 -11.04
CA ALA B 283 1.42 -18.88 -11.77
C ALA B 283 2.61 -19.55 -11.10
N PRO B 284 2.36 -20.24 -9.97
CA PRO B 284 3.47 -20.87 -9.26
C PRO B 284 3.92 -22.20 -9.79
N MET B 285 3.36 -22.68 -10.92
CA MET B 285 3.72 -23.99 -11.47
C MET B 285 5.01 -24.06 -12.31
N GLY B 286 5.78 -22.98 -12.35
CA GLY B 286 7.08 -23.00 -12.99
C GLY B 286 7.09 -22.05 -14.18
N ARG B 287 8.26 -21.49 -14.47
CA ARG B 287 8.45 -20.55 -15.58
C ARG B 287 7.94 -21.20 -16.84
N CYS B 288 7.31 -20.44 -17.74
CA CYS B 288 6.84 -21.02 -19.01
C CYS B 288 7.95 -21.58 -19.88
N ALA B 289 7.74 -22.75 -20.45
CA ALA B 289 8.64 -23.23 -21.48
C ALA B 289 8.60 -22.29 -22.67
N ALA B 290 9.62 -22.39 -23.51
CA ALA B 290 9.66 -21.70 -24.76
C ALA B 290 8.39 -22.01 -25.55
N GLY B 291 7.71 -20.97 -26.00
CA GLY B 291 6.55 -21.14 -26.89
C GLY B 291 5.23 -21.47 -26.22
N VAL B 292 5.16 -21.35 -24.89
CA VAL B 292 4.02 -21.77 -24.10
C VAL B 292 3.61 -20.65 -23.17
N MET B 293 2.32 -20.47 -23.02
CA MET B 293 1.81 -19.60 -21.99
C MET B 293 0.78 -20.26 -21.11
N HIS B 294 0.56 -19.64 -19.95
CA HIS B 294 -0.46 -20.08 -19.00
C HIS B 294 -1.84 -19.57 -19.48
N LEU B 295 -2.84 -20.43 -19.46
CA LEU B 295 -4.22 -19.98 -19.65
C LEU B 295 -5.03 -20.34 -18.42
N PHE B 296 -5.67 -19.35 -17.82
CA PHE B 296 -6.53 -19.59 -16.65
C PHE B 296 -7.88 -19.14 -17.04
N TYR B 297 -8.87 -19.83 -16.53
CA TYR B 297 -10.23 -19.29 -16.53
C TYR B 297 -10.99 -19.75 -15.31
N VAL B 298 -11.95 -18.92 -14.92
CA VAL B 298 -12.81 -19.18 -13.80
C VAL B 298 -14.23 -19.33 -14.33
N ARG B 299 -14.80 -20.49 -14.05
CA ARG B 299 -16.16 -20.82 -14.46
C ARG B 299 -17.19 -20.16 -13.55
N ALA B 300 -18.36 -19.86 -14.11
CA ALA B 300 -19.48 -19.29 -13.36
C ALA B 300 -19.97 -20.25 -12.26
N GLY B 301 -20.36 -19.71 -11.11
CA GLY B 301 -20.87 -20.52 -10.00
C GLY B 301 -20.03 -20.41 -8.74
N VAL B 302 -18.78 -19.96 -8.88
CA VAL B 302 -17.91 -19.76 -7.73
C VAL B 302 -18.46 -18.63 -6.84
N SER B 303 -18.21 -18.74 -5.54
CA SER B 303 -18.72 -17.74 -4.60
C SER B 303 -17.77 -16.57 -4.45
N ARG B 304 -18.31 -15.42 -4.02
CA ARG B 304 -17.49 -14.28 -3.67
C ARG B 304 -16.47 -14.66 -2.63
N ALA B 305 -16.86 -15.50 -1.67
CA ALA B 305 -15.99 -15.80 -0.54
C ALA B 305 -14.80 -16.64 -1.02
N MET B 306 -15.07 -17.64 -1.84
CA MET B 306 -13.97 -18.43 -2.44
C MET B 306 -13.06 -17.56 -3.32
N LEU B 307 -13.63 -16.69 -4.12
CA LEU B 307 -12.79 -15.81 -4.96
C LEU B 307 -11.88 -14.97 -4.10
N LEU B 308 -12.38 -14.44 -2.99
CA LEU B 308 -11.53 -13.71 -2.08
C LEU B 308 -10.42 -14.57 -1.50
N ARG B 309 -10.74 -15.81 -1.13
CA ARG B 309 -9.76 -16.70 -0.57
C ARG B 309 -8.66 -16.94 -1.57
N LEU B 310 -9.05 -17.15 -2.83
CA LEU B 310 -8.08 -17.40 -3.88
C LEU B 310 -7.19 -16.18 -4.07
N PHE B 311 -7.81 -15.01 -4.18
CA PHE B 311 -7.06 -13.76 -4.33
C PHE B 311 -6.00 -13.59 -3.26
N LEU B 312 -6.39 -13.75 -1.99
CA LEU B 312 -5.44 -13.58 -0.89
C LEU B 312 -4.31 -14.62 -0.88
N ALA B 313 -4.65 -15.84 -1.25
CA ALA B 313 -3.67 -16.92 -1.33
C ALA B 313 -2.65 -16.71 -2.45
N MET B 314 -3.03 -15.94 -3.47
CA MET B 314 -2.12 -15.62 -4.58
C MET B 314 -0.85 -14.88 -4.16
N GLU B 315 -0.89 -14.16 -3.05
CA GLU B 315 0.33 -13.52 -2.56
C GLU B 315 1.54 -14.45 -2.44
N LYS B 316 1.35 -15.62 -1.83
CA LYS B 316 2.43 -16.59 -1.72
C LYS B 316 2.29 -17.74 -2.74
N GLY B 317 1.44 -17.56 -3.73
CA GLY B 317 1.30 -18.54 -4.78
C GLY B 317 0.64 -19.82 -4.33
N ARG B 318 -0.27 -19.74 -3.37
CA ARG B 318 -0.88 -20.92 -2.74
C ARG B 318 -2.32 -21.16 -3.16
N HIS B 319 -2.84 -20.32 -4.06
CA HIS B 319 -4.20 -20.44 -4.52
C HIS B 319 -4.55 -21.77 -5.20
N MET B 320 -3.60 -22.43 -5.88
CA MET B 320 -3.93 -23.71 -6.54
C MET B 320 -4.12 -24.86 -5.51
N GLU B 321 -3.62 -24.66 -4.28
CA GLU B 321 -3.78 -25.69 -3.23
C GLU B 321 -5.23 -25.85 -2.75
N TYR B 322 -6.07 -24.84 -2.99
CA TYR B 322 -7.48 -24.97 -2.64
C TYR B 322 -8.21 -26.01 -3.49
N GLU B 323 -7.65 -26.35 -4.66
CA GLU B 323 -8.29 -27.25 -5.61
C GLU B 323 -9.74 -26.85 -5.88
N CYS B 324 -9.97 -25.55 -5.99
CA CYS B 324 -11.29 -25.05 -6.34
C CYS B 324 -11.63 -25.53 -7.76
N PRO B 325 -12.77 -26.24 -7.94
CA PRO B 325 -13.08 -26.74 -9.30
C PRO B 325 -13.48 -25.66 -10.30
N TYR B 326 -13.75 -24.45 -9.84
CA TYR B 326 -14.13 -23.38 -10.76
C TYR B 326 -12.91 -22.72 -11.42
N LEU B 327 -11.73 -22.88 -10.84
CA LEU B 327 -10.47 -22.34 -11.43
C LEU B 327 -9.74 -23.40 -12.27
N VAL B 328 -9.67 -23.18 -13.59
CA VAL B 328 -9.06 -24.14 -14.50
C VAL B 328 -7.77 -23.55 -15.07
N TYR B 329 -6.71 -24.35 -15.11
CA TYR B 329 -5.41 -23.98 -15.66
C TYR B 329 -5.02 -24.93 -16.75
N VAL B 330 -4.51 -24.41 -17.87
CA VAL B 330 -3.99 -25.20 -18.95
CA VAL B 330 -3.99 -25.21 -18.99
C VAL B 330 -2.84 -24.47 -19.66
N PRO B 331 -1.72 -25.16 -19.95
CA PRO B 331 -0.65 -24.56 -20.74
C PRO B 331 -0.95 -24.66 -22.26
N VAL B 332 -0.84 -23.54 -22.99
CA VAL B 332 -1.27 -23.49 -24.38
C VAL B 332 -0.26 -22.82 -25.29
N VAL B 333 -0.39 -23.08 -26.58
CA VAL B 333 0.34 -22.37 -27.58
C VAL B 333 -0.50 -21.38 -28.39
N ALA B 334 -1.81 -21.45 -28.26
CA ALA B 334 -2.72 -20.57 -28.96
C ALA B 334 -4.07 -20.59 -28.28
N PHE B 335 -4.84 -19.55 -28.56
CA PHE B 335 -6.22 -19.49 -28.08
C PHE B 335 -7.08 -18.57 -28.95
N ARG B 336 -8.38 -18.71 -28.77
CA ARG B 336 -9.42 -17.83 -29.32
C ARG B 336 -10.44 -17.56 -28.27
N LEU B 337 -10.76 -16.29 -28.09
CA LEU B 337 -11.81 -15.85 -27.19
C LEU B 337 -12.80 -14.96 -27.97
N GLU B 338 -14.09 -15.32 -27.85
CA GLU B 338 -15.20 -14.61 -28.51
C GLU B 338 -16.16 -14.12 -27.43
N PRO B 339 -15.92 -12.90 -26.93
CA PRO B 339 -16.88 -12.31 -25.99
C PRO B 339 -18.24 -12.11 -26.65
N LYS B 340 -19.32 -12.38 -25.91
CA LYS B 340 -20.70 -12.11 -26.34
C LYS B 340 -21.41 -11.38 -25.22
N ASP B 341 -20.67 -10.49 -24.53
CA ASP B 341 -21.12 -9.89 -23.26
C ASP B 341 -21.55 -8.41 -23.37
N GLY B 342 -21.74 -7.93 -24.59
CA GLY B 342 -21.99 -6.50 -24.80
C GLY B 342 -20.74 -5.68 -24.51
N LYS B 343 -20.86 -4.35 -24.59
CA LYS B 343 -19.71 -3.44 -24.41
C LYS B 343 -18.80 -3.83 -23.22
N GLY B 344 -17.53 -4.11 -23.50
CA GLY B 344 -16.61 -4.49 -22.41
C GLY B 344 -15.19 -4.20 -22.81
N VAL B 345 -14.27 -4.68 -21.97
CA VAL B 345 -12.87 -4.40 -22.14
C VAL B 345 -12.02 -5.65 -22.03
N PHE B 346 -10.86 -5.54 -22.63
CA PHE B 346 -9.73 -6.40 -22.40
C PHE B 346 -8.70 -5.51 -21.73
N ALA B 347 -7.78 -6.14 -21.03
CA ALA B 347 -6.59 -5.52 -20.59
C ALA B 347 -5.48 -6.34 -21.23
N VAL B 348 -4.64 -5.66 -22.03
CA VAL B 348 -3.48 -6.29 -22.61
C VAL B 348 -2.23 -5.68 -22.01
N ASP B 349 -1.47 -6.46 -21.27
CA ASP B 349 -0.34 -5.97 -20.49
C ASP B 349 -0.75 -4.82 -19.58
N GLY B 350 -1.97 -4.92 -19.04
CA GLY B 350 -2.56 -3.89 -18.23
C GLY B 350 -3.17 -2.72 -18.96
N GLU B 351 -2.96 -2.63 -20.28
CA GLU B 351 -3.51 -1.56 -21.11
C GLU B 351 -4.89 -1.89 -21.62
N LEU B 352 -5.80 -0.95 -21.49
CA LEU B 352 -7.22 -1.21 -21.81
C LEU B 352 -7.48 -1.05 -23.29
N MET B 353 -8.35 -1.90 -23.80
CA MET B 353 -8.92 -1.75 -25.14
C MET B 353 -10.33 -2.33 -25.13
N VAL B 354 -11.09 -2.02 -26.18
CA VAL B 354 -12.47 -2.46 -26.29
C VAL B 354 -12.42 -3.92 -26.65
N SER B 355 -13.24 -4.69 -26.00
CA SER B 355 -13.27 -6.12 -26.19
C SER B 355 -14.01 -6.50 -27.51
N GLU B 356 -13.56 -7.57 -28.13
CA GLU B 356 -14.12 -8.09 -29.38
C GLU B 356 -13.48 -9.48 -29.58
N ALA B 357 -13.90 -10.25 -30.57
CA ALA B 357 -13.26 -11.55 -30.78
C ALA B 357 -11.76 -11.36 -31.00
N VAL B 358 -10.98 -12.26 -30.41
CA VAL B 358 -9.53 -12.15 -30.48
C VAL B 358 -8.94 -13.53 -30.46
N GLN B 359 -7.79 -13.68 -31.10
CA GLN B 359 -7.04 -14.92 -31.02
C GLN B 359 -5.58 -14.62 -31.04
N GLY B 360 -4.80 -15.53 -30.48
CA GLY B 360 -3.40 -15.31 -30.37
C GLY B 360 -2.57 -16.58 -30.42
N GLN B 361 -1.31 -16.40 -30.77
CA GLN B 361 -0.34 -17.50 -30.81
C GLN B 361 0.93 -17.05 -30.10
N VAL B 362 1.52 -17.98 -29.35
CA VAL B 362 2.74 -17.70 -28.63
C VAL B 362 3.94 -17.96 -29.53
N HIS B 363 4.86 -17.02 -29.61
CA HIS B 363 6.13 -17.25 -30.30
C HIS B 363 7.26 -17.42 -29.32
N PRO B 364 8.06 -18.46 -29.50
CA PRO B 364 9.08 -18.83 -28.53
C PRO B 364 10.33 -17.99 -28.67
N ASN B 365 10.87 -17.60 -27.53
CA ASN B 365 12.22 -17.05 -27.47
C ASN B 365 12.43 -15.99 -28.53
N TYR B 366 11.55 -15.01 -28.46
CA TYR B 366 11.37 -14.07 -29.51
C TYR B 366 12.12 -12.76 -29.31
N PHE B 367 12.34 -12.39 -28.06
CA PHE B 367 13.14 -11.21 -27.73
C PHE B 367 13.98 -11.49 -26.47
N TRP B 368 14.96 -10.62 -26.24
CA TRP B 368 15.88 -10.75 -25.11
C TRP B 368 15.54 -9.78 -24.03
N MET B 369 15.57 -10.25 -22.78
CA MET B 369 15.53 -9.36 -21.66
C MET B 369 16.70 -9.56 -20.71
N VAL B 370 17.14 -8.45 -20.15
CA VAL B 370 18.05 -8.47 -19.05
C VAL B 370 17.34 -9.23 -17.95
N SER B 371 18.01 -10.18 -17.34
CA SER B 371 17.30 -11.07 -16.46
C SER B 371 18.25 -11.93 -15.65
#